data_6JRI
#
_entry.id   6JRI
#
_cell.length_a   70.305
_cell.length_b   85.471
_cell.length_c   229.145
_cell.angle_alpha   90.00
_cell.angle_beta   91.05
_cell.angle_gamma   90.00
#
_symmetry.space_group_name_H-M   'C 1 2 1'
#
loop_
_entity.id
_entity.type
_entity.pdbx_description
1 polymer Nanobody
2 water water
#
_entity_poly.entity_id   1
_entity_poly.type   'polypeptide(L)'
_entity_poly.pdbx_seq_one_letter_code
;DVQLVESGGGLVQAGGSLRLSCTASGFTFDDYTMGWFRQAPGKEREGVSYTGWSGSMSGSTTYYTDSVKGRFTISRDNAK
NTLYLQMNSLKPEDTAMYYCAAARYRGIGSQVRWTDFIYWGQGTQVTVSS
;
_entity_poly.pdbx_strand_id   B,A,C,D,E,F,G,H
#
# COMPACT_ATOMS: atom_id res chain seq x y z
N VAL A 2 -34.12 -32.89 31.40
CA VAL A 2 -32.68 -32.68 31.46
C VAL A 2 -32.03 -33.22 30.20
N GLN A 3 -31.57 -32.31 29.33
CA GLN A 3 -30.94 -32.69 28.07
C GLN A 3 -29.58 -32.00 27.93
N LEU A 4 -28.63 -32.70 27.32
CA LEU A 4 -27.32 -32.15 27.01
C LEU A 4 -26.99 -32.52 25.57
N VAL A 5 -26.97 -31.52 24.69
CA VAL A 5 -26.77 -31.74 23.26
C VAL A 5 -25.40 -31.18 22.88
N GLU A 6 -24.53 -32.06 22.38
CA GLU A 6 -23.20 -31.67 21.95
C GLU A 6 -23.19 -31.29 20.47
N SER A 7 -22.24 -30.45 20.10
CA SER A 7 -22.09 -30.01 18.72
C SER A 7 -20.64 -29.58 18.51
N GLY A 8 -20.30 -29.32 17.25
CA GLY A 8 -19.00 -28.78 16.91
C GLY A 8 -17.93 -29.79 16.58
N GLY A 9 -18.25 -31.08 16.61
CA GLY A 9 -17.28 -32.11 16.28
C GLY A 9 -17.11 -32.28 14.78
N GLY A 10 -16.23 -33.21 14.42
CA GLY A 10 -16.03 -33.50 13.02
C GLY A 10 -14.67 -34.15 12.79
N LEU A 11 -14.16 -33.96 11.58
CA LEU A 11 -12.91 -34.56 11.13
C LEU A 11 -11.93 -33.47 10.72
N VAL A 12 -10.66 -33.64 11.09
CA VAL A 12 -9.64 -32.64 10.84
C VAL A 12 -8.29 -33.35 10.74
N GLN A 13 -7.34 -32.70 10.06
CA GLN A 13 -5.98 -33.20 9.97
C GLN A 13 -5.23 -32.92 11.27
N ALA A 14 -4.02 -33.47 11.36
CA ALA A 14 -3.20 -33.25 12.53
C ALA A 14 -2.68 -31.81 12.57
N GLY A 15 -2.76 -31.18 13.73
CA GLY A 15 -2.42 -29.78 13.87
C GLY A 15 -3.59 -28.84 13.73
N GLY A 16 -4.73 -29.31 13.23
CA GLY A 16 -5.90 -28.47 13.07
C GLY A 16 -6.60 -28.19 14.39
N SER A 17 -7.72 -27.48 14.30
CA SER A 17 -8.42 -27.04 15.49
C SER A 17 -9.92 -27.25 15.33
N LEU A 18 -10.58 -27.51 16.46
CA LEU A 18 -12.03 -27.64 16.54
C LEU A 18 -12.52 -26.91 17.78
N ARG A 19 -13.82 -26.70 17.86
CA ARG A 19 -14.45 -26.07 19.02
C ARG A 19 -15.79 -26.74 19.28
N LEU A 20 -15.90 -27.43 20.40
CA LEU A 20 -17.13 -28.11 20.77
C LEU A 20 -18.04 -27.18 21.57
N SER A 21 -19.35 -27.41 21.45
CA SER A 21 -20.34 -26.68 22.22
C SER A 21 -21.31 -27.68 22.84
N CYS A 22 -21.94 -27.26 23.93
CA CYS A 22 -22.87 -28.13 24.66
C CYS A 22 -23.93 -27.24 25.32
N THR A 23 -25.09 -27.14 24.67
CA THR A 23 -26.22 -26.44 25.26
C THR A 23 -26.93 -27.33 26.27
N ALA A 24 -27.50 -26.71 27.30
CA ALA A 24 -28.10 -27.42 28.41
C ALA A 24 -29.57 -27.05 28.56
N SER A 25 -30.40 -28.07 28.76
CA SER A 25 -31.83 -27.90 29.00
C SER A 25 -32.07 -27.71 30.50
N GLY A 26 -33.32 -27.86 30.94
CA GLY A 26 -33.73 -27.42 32.25
C GLY A 26 -33.06 -28.07 33.46
N PHE A 27 -31.99 -27.40 34.03
CA PHE A 27 -31.41 -27.83 35.32
C PHE A 27 -30.59 -26.81 36.12
N THR A 28 -30.62 -25.48 35.88
CA THR A 28 -29.78 -24.47 36.58
C THR A 28 -28.27 -24.67 36.42
N PHE A 29 -27.83 -24.31 35.21
CA PHE A 29 -26.50 -24.51 34.63
C PHE A 29 -25.41 -23.83 35.45
N ASP A 30 -25.66 -22.61 35.93
CA ASP A 30 -24.62 -21.82 36.58
C ASP A 30 -24.27 -22.30 37.99
N ASP A 31 -25.02 -23.25 38.54
CA ASP A 31 -24.71 -23.80 39.85
C ASP A 31 -24.12 -25.20 39.78
N TYR A 32 -23.85 -25.72 38.59
CA TYR A 32 -23.35 -27.07 38.41
C TYR A 32 -21.93 -27.02 37.87
N THR A 33 -21.13 -28.02 38.23
CA THR A 33 -19.78 -28.17 37.69
C THR A 33 -19.88 -28.95 36.38
N MET A 34 -19.52 -28.31 35.28
CA MET A 34 -19.65 -28.89 33.95
C MET A 34 -18.30 -29.40 33.46
N GLY A 35 -18.32 -30.53 32.74
CA GLY A 35 -17.08 -31.18 32.35
C GLY A 35 -17.18 -31.81 30.97
N TRP A 36 -16.00 -32.15 30.45
CA TRP A 36 -15.87 -32.85 29.18
C TRP A 36 -15.16 -34.18 29.40
N PHE A 37 -15.72 -35.24 28.82
CA PHE A 37 -15.14 -36.57 28.85
C PHE A 37 -14.84 -37.01 27.41
N ARG A 38 -14.02 -38.05 27.27
CA ARG A 38 -13.81 -38.64 25.95
C ARG A 38 -13.59 -40.14 26.10
N GLN A 39 -13.93 -40.87 25.05
CA GLN A 39 -13.85 -42.34 25.04
C GLN A 39 -13.22 -42.79 23.75
N ALA A 40 -11.99 -43.31 23.85
CA ALA A 40 -11.28 -43.86 22.71
C ALA A 40 -11.93 -45.15 22.23
N PRO A 41 -11.73 -45.53 20.96
CA PRO A 41 -12.26 -46.82 20.48
C PRO A 41 -11.57 -47.99 21.17
N GLY A 42 -12.36 -48.80 21.89
CA GLY A 42 -11.86 -49.95 22.60
C GLY A 42 -11.37 -49.68 24.00
N LYS A 43 -11.26 -48.42 24.40
CA LYS A 43 -10.77 -48.05 25.72
C LYS A 43 -11.92 -47.52 26.59
N GLU A 44 -11.61 -47.35 27.87
CA GLU A 44 -12.59 -46.81 28.81
C GLU A 44 -12.74 -45.31 28.64
N ARG A 45 -13.81 -44.77 29.22
CA ARG A 45 -14.07 -43.34 29.15
C ARG A 45 -13.21 -42.60 30.16
N GLU A 46 -12.44 -41.63 29.70
CA GLU A 46 -11.57 -40.85 30.56
C GLU A 46 -12.06 -39.40 30.63
N GLY A 47 -11.57 -38.69 31.64
CA GLY A 47 -11.92 -37.29 31.81
C GLY A 47 -10.92 -36.38 31.14
N VAL A 48 -11.43 -35.30 30.56
CA VAL A 48 -10.61 -34.33 29.82
C VAL A 48 -10.44 -33.05 30.62
N SER A 49 -11.55 -32.39 30.96
CA SER A 49 -11.52 -31.08 31.58
C SER A 49 -12.87 -30.81 32.23
N TYR A 50 -12.84 -30.15 33.39
CA TYR A 50 -14.08 -29.65 33.99
C TYR A 50 -13.83 -28.25 34.53
N THR A 51 -14.93 -27.54 34.81
CA THR A 51 -14.87 -26.26 35.50
C THR A 51 -16.12 -26.11 36.34
N GLY A 52 -15.99 -25.40 37.45
CA GLY A 52 -17.11 -25.21 38.36
C GLY A 52 -16.62 -24.94 39.77
N TRP A 53 -17.38 -25.50 40.72
CA TRP A 53 -17.16 -25.42 42.17
C TRP A 53 -15.79 -25.93 42.60
N SER A 54 -15.28 -25.37 43.70
CA SER A 54 -13.93 -25.58 44.21
C SER A 54 -13.88 -26.47 45.44
N GLY A 55 -14.62 -26.15 46.48
CA GLY A 55 -14.46 -26.78 47.77
C GLY A 55 -14.66 -25.79 48.89
N SER A 56 -14.69 -24.49 48.56
CA SER A 56 -14.66 -23.43 49.56
C SER A 56 -15.86 -22.51 49.54
N MET A 57 -16.74 -22.60 48.51
CA MET A 57 -17.85 -21.67 48.25
C MET A 57 -17.35 -20.22 48.13
N SER A 58 -16.13 -20.04 47.63
CA SER A 58 -15.60 -18.73 47.36
C SER A 58 -14.76 -18.72 46.11
N GLY A 59 -14.97 -19.65 45.19
CA GLY A 59 -14.10 -19.73 44.05
C GLY A 59 -14.53 -20.75 43.01
N SER A 60 -14.06 -20.52 41.79
CA SER A 60 -14.15 -21.47 40.69
C SER A 60 -12.86 -22.27 40.59
N THR A 61 -12.98 -23.49 40.06
CA THR A 61 -11.83 -24.35 39.84
C THR A 61 -11.97 -25.02 38.48
N THR A 62 -10.99 -24.83 37.61
CA THR A 62 -10.94 -25.49 36.32
C THR A 62 -9.83 -26.53 36.31
N TYR A 63 -10.06 -27.62 35.58
CA TYR A 63 -9.14 -28.75 35.53
C TYR A 63 -8.80 -29.06 34.07
N TYR A 64 -7.58 -29.54 33.84
CA TYR A 64 -7.15 -30.02 32.55
C TYR A 64 -6.23 -31.22 32.74
N THR A 65 -6.46 -32.28 31.95
CA THR A 65 -5.62 -33.46 31.99
C THR A 65 -4.26 -33.15 31.36
N ASP A 66 -3.26 -33.99 31.70
CA ASP A 66 -1.89 -33.79 31.19
C ASP A 66 -1.81 -33.91 29.68
N SER A 67 -2.61 -34.79 29.08
CA SER A 67 -2.55 -35.01 27.64
C SER A 67 -3.15 -33.85 26.85
N VAL A 68 -3.97 -33.02 27.48
CA VAL A 68 -4.58 -31.87 26.83
C VAL A 68 -4.08 -30.56 27.41
N LYS A 69 -3.02 -30.60 28.23
CA LYS A 69 -2.50 -29.43 28.92
C LYS A 69 -1.87 -28.46 27.93
N GLY A 70 -2.28 -27.20 28.00
CA GLY A 70 -1.74 -26.17 27.14
C GLY A 70 -2.30 -26.14 25.73
N ARG A 71 -3.15 -27.09 25.37
CA ARG A 71 -3.76 -27.14 24.05
C ARG A 71 -5.27 -26.99 24.08
N PHE A 72 -5.92 -27.41 25.15
CA PHE A 72 -7.37 -27.36 25.26
C PHE A 72 -7.77 -26.22 26.19
N THR A 73 -8.97 -25.69 25.98
CA THR A 73 -9.47 -24.60 26.80
C THR A 73 -10.97 -24.78 27.02
N ILE A 74 -11.38 -24.88 28.27
CA ILE A 74 -12.79 -24.99 28.62
C ILE A 74 -13.29 -23.60 29.03
N SER A 75 -14.57 -23.35 28.76
CA SER A 75 -15.23 -22.09 29.12
C SER A 75 -16.72 -22.34 29.18
N ARG A 76 -17.42 -21.49 29.93
CA ARG A 76 -18.85 -21.60 30.08
C ARG A 76 -19.51 -20.23 29.90
N ASP A 77 -20.76 -20.27 29.46
CA ASP A 77 -21.60 -19.07 29.32
C ASP A 77 -22.86 -19.32 30.12
N ASN A 78 -22.93 -18.71 31.32
CA ASN A 78 -24.06 -18.94 32.20
C ASN A 78 -25.34 -18.28 31.71
N ALA A 79 -25.23 -17.28 30.82
CA ALA A 79 -26.43 -16.64 30.27
C ALA A 79 -27.10 -17.54 29.24
N LYS A 80 -26.31 -18.16 28.37
CA LYS A 80 -26.84 -19.02 27.31
C LYS A 80 -26.88 -20.49 27.69
N ASN A 81 -26.39 -20.84 28.89
CA ASN A 81 -26.31 -22.22 29.41
C ASN A 81 -25.54 -23.14 28.46
N THR A 82 -24.37 -22.69 28.03
CA THR A 82 -23.57 -23.40 27.05
C THR A 82 -22.15 -23.61 27.58
N LEU A 83 -21.61 -24.79 27.32
CA LEU A 83 -20.25 -25.14 27.67
C LEU A 83 -19.42 -25.29 26.40
N TYR A 84 -18.19 -24.79 26.43
CA TYR A 84 -17.32 -24.80 25.26
C TYR A 84 -16.02 -25.53 25.55
N LEU A 85 -15.42 -26.09 24.50
CA LEU A 85 -14.11 -26.74 24.57
C LEU A 85 -13.35 -26.38 23.30
N GLN A 86 -12.40 -25.45 23.42
CA GLN A 86 -11.56 -25.03 22.30
C GLN A 86 -10.36 -25.97 22.24
N MET A 87 -10.31 -26.80 21.20
CA MET A 87 -9.26 -27.79 21.02
C MET A 87 -8.31 -27.30 19.94
N ASN A 88 -7.12 -26.84 20.33
CA ASN A 88 -6.10 -26.39 19.40
C ASN A 88 -4.95 -27.39 19.38
N SER A 89 -4.22 -27.41 18.26
CA SER A 89 -3.07 -28.28 18.00
C SER A 89 -3.42 -29.76 18.20
N LEU A 90 -4.38 -30.21 17.42
CA LEU A 90 -4.94 -31.55 17.60
C LEU A 90 -3.97 -32.61 17.09
N LYS A 91 -3.74 -33.61 17.91
CA LYS A 91 -2.95 -34.82 17.77
C LYS A 91 -3.84 -36.00 17.41
N PRO A 92 -3.31 -37.03 16.74
CA PRO A 92 -4.12 -38.22 16.44
C PRO A 92 -4.52 -39.02 17.68
N GLU A 93 -3.84 -38.86 18.81
CA GLU A 93 -4.24 -39.51 20.04
C GLU A 93 -5.48 -38.86 20.68
N ASP A 94 -5.89 -37.68 20.22
CA ASP A 94 -7.10 -37.02 20.70
C ASP A 94 -8.37 -37.54 20.04
N THR A 95 -8.27 -38.56 19.19
CA THR A 95 -9.41 -39.06 18.43
C THR A 95 -10.30 -39.91 19.36
N ALA A 96 -11.50 -39.42 19.63
CA ALA A 96 -12.45 -40.08 20.52
C ALA A 96 -13.83 -39.50 20.27
N MET A 97 -14.82 -40.07 20.97
CA MET A 97 -16.15 -39.50 21.09
C MET A 97 -16.20 -38.66 22.36
N TYR A 98 -16.50 -37.36 22.23
CA TYR A 98 -16.40 -36.44 23.35
C TYR A 98 -17.77 -36.21 23.96
N TYR A 99 -17.87 -36.42 25.27
CA TYR A 99 -19.12 -36.30 26.01
C TYR A 99 -19.09 -35.06 26.90
N CYS A 100 -20.27 -34.49 27.13
CA CYS A 100 -20.46 -33.31 27.97
C CYS A 100 -21.28 -33.74 29.19
N ALA A 101 -20.67 -33.67 30.37
CA ALA A 101 -21.27 -34.19 31.59
C ALA A 101 -21.48 -33.07 32.61
N ALA A 102 -22.30 -33.36 33.62
CA ALA A 102 -22.67 -32.40 34.64
C ALA A 102 -22.66 -33.07 36.02
N ALA A 103 -22.16 -32.35 37.01
CA ALA A 103 -22.14 -32.81 38.39
C ALA A 103 -22.77 -31.75 39.29
N ARG A 104 -23.29 -32.21 40.43
CA ARG A 104 -24.05 -31.36 41.35
C ARG A 104 -23.64 -31.47 42.80
N TYR A 105 -22.79 -32.44 43.15
CA TYR A 105 -22.28 -32.54 44.49
C TYR A 105 -21.37 -31.36 44.78
N ARG A 106 -21.50 -30.77 45.97
CA ARG A 106 -20.60 -29.72 46.37
C ARG A 106 -19.67 -30.16 47.49
N GLY A 107 -20.19 -30.51 48.66
CA GLY A 107 -19.37 -31.11 49.70
C GLY A 107 -18.26 -30.24 50.24
N ILE A 108 -18.58 -29.25 51.09
CA ILE A 108 -17.61 -28.24 51.54
C ILE A 108 -16.49 -28.93 52.31
N GLY A 109 -15.32 -29.01 51.68
CA GLY A 109 -14.20 -29.80 52.17
C GLY A 109 -13.70 -30.85 51.20
N SER A 110 -14.48 -31.23 50.20
CA SER A 110 -14.12 -32.30 49.28
C SER A 110 -14.09 -31.78 47.84
N GLN A 111 -13.14 -32.31 47.06
CA GLN A 111 -12.93 -31.87 45.70
C GLN A 111 -13.72 -32.75 44.73
N VAL A 112 -13.77 -32.31 43.47
CA VAL A 112 -14.56 -32.96 42.44
C VAL A 112 -13.91 -34.27 42.04
N ARG A 113 -14.71 -35.35 42.00
CA ARG A 113 -14.29 -36.66 41.54
C ARG A 113 -15.01 -37.00 40.24
N TRP A 114 -14.55 -38.07 39.57
CA TRP A 114 -15.13 -38.41 38.27
C TRP A 114 -16.51 -39.04 38.38
N THR A 115 -16.77 -39.74 39.49
CA THR A 115 -18.05 -40.40 39.68
C THR A 115 -19.19 -39.44 40.05
N ASP A 116 -18.88 -38.17 40.31
CA ASP A 116 -19.90 -37.21 40.66
C ASP A 116 -20.73 -36.76 39.45
N PHE A 117 -20.23 -37.00 38.24
CA PHE A 117 -20.93 -36.58 37.03
C PHE A 117 -22.07 -37.56 36.74
N ILE A 118 -23.29 -37.05 36.79
CA ILE A 118 -24.51 -37.87 36.76
C ILE A 118 -25.27 -37.69 35.46
N TYR A 119 -25.47 -36.45 35.03
CA TYR A 119 -26.15 -36.16 33.77
C TYR A 119 -25.15 -36.15 32.64
N TRP A 120 -25.49 -36.84 31.54
CA TRP A 120 -24.58 -36.99 30.41
C TRP A 120 -25.30 -36.65 29.12
N GLY A 121 -24.51 -36.37 28.08
CA GLY A 121 -25.01 -36.16 26.74
C GLY A 121 -24.73 -37.35 25.84
N GLN A 122 -25.26 -37.26 24.61
CA GLN A 122 -25.08 -38.36 23.67
C GLN A 122 -23.69 -38.39 23.06
N GLY A 123 -23.03 -37.24 22.95
CA GLY A 123 -21.66 -37.16 22.52
C GLY A 123 -21.53 -36.62 21.09
N THR A 124 -20.29 -36.36 20.72
CA THR A 124 -19.94 -35.96 19.36
C THR A 124 -18.58 -36.52 19.01
N GLN A 125 -18.41 -36.89 17.75
CA GLN A 125 -17.19 -37.53 17.27
C GLN A 125 -16.15 -36.48 16.88
N VAL A 126 -14.92 -36.69 17.35
CA VAL A 126 -13.78 -35.90 16.91
C VAL A 126 -12.74 -36.87 16.35
N THR A 127 -12.38 -36.68 15.09
CA THR A 127 -11.44 -37.55 14.41
C THR A 127 -10.27 -36.73 13.89
N VAL A 128 -9.06 -37.06 14.35
CA VAL A 128 -7.84 -36.40 13.92
C VAL A 128 -7.02 -37.43 13.15
N SER A 129 -6.98 -37.29 11.84
CA SER A 129 -6.27 -38.23 10.97
C SER A 129 -4.82 -37.78 10.76
N SER A 130 -4.04 -38.66 10.15
CA SER A 130 -2.63 -38.39 9.89
C SER A 130 -2.46 -37.42 8.72
N VAL B 2 16.29 -15.84 44.88
CA VAL B 2 14.87 -15.98 44.58
C VAL B 2 14.23 -14.60 44.52
N GLN B 3 13.86 -14.16 43.32
CA GLN B 3 13.25 -12.85 43.12
C GLN B 3 11.96 -13.00 42.33
N LEU B 4 10.98 -12.16 42.65
CA LEU B 4 9.72 -12.09 41.92
C LEU B 4 9.41 -10.61 41.67
N VAL B 5 9.49 -10.19 40.41
CA VAL B 5 9.32 -8.80 40.03
C VAL B 5 8.02 -8.66 39.26
N GLU B 6 7.11 -7.86 39.80
CA GLU B 6 5.81 -7.61 39.17
C GLU B 6 5.89 -6.39 38.24
N SER B 7 5.01 -6.38 37.26
CA SER B 7 4.94 -5.28 36.30
C SER B 7 3.54 -5.25 35.70
N GLY B 8 3.27 -4.20 34.94
CA GLY B 8 2.02 -4.09 34.20
C GLY B 8 0.88 -3.41 34.93
N GLY B 9 1.10 -2.92 36.15
CA GLY B 9 0.06 -2.22 36.87
C GLY B 9 -0.06 -0.77 36.44
N GLY B 10 -1.00 -0.07 37.08
CA GLY B 10 -1.19 1.33 36.78
C GLY B 10 -2.58 1.80 37.16
N LEU B 11 -3.03 2.84 36.48
CA LEU B 11 -4.30 3.48 36.75
C LEU B 11 -5.18 3.43 35.51
N VAL B 12 -6.48 3.16 35.71
CA VAL B 12 -7.41 3.00 34.60
C VAL B 12 -8.80 3.37 35.11
N GLN B 13 -9.68 3.77 34.18
CA GLN B 13 -11.04 4.04 34.59
C GLN B 13 -11.85 2.74 34.62
N ALA B 14 -13.09 2.84 35.09
CA ALA B 14 -13.93 1.68 35.29
C ALA B 14 -14.34 1.10 33.94
N GLY B 15 -14.25 -0.23 33.82
CA GLY B 15 -14.48 -0.91 32.56
C GLY B 15 -13.24 -1.15 31.73
N GLY B 16 -12.13 -0.50 32.07
CA GLY B 16 -10.89 -0.68 31.34
C GLY B 16 -10.22 -2.01 31.65
N SER B 17 -9.05 -2.20 31.06
CA SER B 17 -8.35 -3.46 31.18
C SER B 17 -6.86 -3.24 31.43
N LEU B 18 -6.26 -4.18 32.17
CA LEU B 18 -4.83 -4.20 32.43
C LEU B 18 -4.33 -5.63 32.29
N ARG B 19 -3.01 -5.78 32.23
CA ARG B 19 -2.38 -7.10 32.16
C ARG B 19 -1.10 -7.07 32.98
N LEU B 20 -1.08 -7.83 34.07
CA LEU B 20 0.08 -7.91 34.94
C LEU B 20 1.02 -9.01 34.48
N SER B 21 2.31 -8.81 34.73
CA SER B 21 3.34 -9.81 34.46
C SER B 21 4.22 -9.98 35.69
N CYS B 22 4.84 -11.16 35.79
CA CYS B 22 5.67 -11.49 36.94
C CYS B 22 6.77 -12.43 36.47
N THR B 23 7.96 -11.88 36.23
CA THR B 23 9.12 -12.70 35.90
C THR B 23 9.73 -13.28 37.17
N ALA B 24 10.30 -14.47 37.05
CA ALA B 24 10.82 -15.22 38.19
C ALA B 24 12.30 -15.50 38.02
N SER B 25 13.05 -15.29 39.10
CA SER B 25 14.48 -15.57 39.17
C SER B 25 14.67 -17.03 39.59
N GLY B 26 15.90 -17.38 40.00
CA GLY B 26 16.30 -18.76 40.14
C GLY B 26 15.55 -19.62 41.15
N PHE B 27 14.66 -20.44 40.60
CA PHE B 27 13.99 -21.59 41.16
C PHE B 27 13.23 -22.21 39.99
N THR B 28 12.91 -23.49 40.04
CA THR B 28 12.22 -24.16 38.92
C THR B 28 10.79 -23.64 38.87
N PHE B 29 10.56 -22.70 37.95
CA PHE B 29 9.24 -22.08 37.80
C PHE B 29 8.17 -23.10 37.39
N ASP B 30 8.51 -24.02 36.49
CA ASP B 30 7.50 -24.92 35.93
C ASP B 30 7.08 -26.03 36.88
N ASP B 31 7.73 -26.18 38.03
CA ASP B 31 7.34 -27.17 39.03
C ASP B 31 6.65 -26.56 40.24
N TYR B 32 6.38 -25.26 40.23
CA TYR B 32 5.78 -24.56 41.36
C TYR B 32 4.38 -24.08 40.98
N THR B 33 3.50 -24.02 41.97
CA THR B 33 2.16 -23.47 41.79
C THR B 33 2.24 -21.96 42.01
N MET B 34 1.97 -21.20 40.95
CA MET B 34 2.10 -19.74 40.98
C MET B 34 0.73 -19.11 41.15
N GLY B 35 0.68 -18.00 41.90
CA GLY B 35 -0.58 -17.38 42.25
C GLY B 35 -0.50 -15.87 42.30
N TRP B 36 -1.67 -15.25 42.30
CA TRP B 36 -1.83 -13.80 42.44
C TRP B 36 -2.63 -13.49 43.69
N PHE B 37 -2.14 -12.55 44.48
CA PHE B 37 -2.82 -12.05 45.67
C PHE B 37 -3.09 -10.56 45.49
N ARG B 38 -3.98 -10.02 46.32
CA ARG B 38 -4.21 -8.58 46.33
C ARG B 38 -4.54 -8.13 47.75
N GLN B 39 -4.22 -6.88 48.04
CA GLN B 39 -4.42 -6.31 49.37
C GLN B 39 -5.05 -4.92 49.24
N ALA B 40 -6.31 -4.82 49.64
CA ALA B 40 -7.03 -3.55 49.65
C ALA B 40 -6.46 -2.61 50.70
N PRO B 41 -6.64 -1.30 50.54
CA PRO B 41 -6.20 -0.35 51.59
C PRO B 41 -7.00 -0.53 52.88
N GLY B 42 -6.30 -0.87 53.95
CA GLY B 42 -6.91 -1.08 55.24
C GLY B 42 -7.43 -2.48 55.50
N LYS B 43 -7.45 -3.34 54.50
CA LYS B 43 -7.95 -4.70 54.63
C LYS B 43 -6.80 -5.69 54.57
N GLU B 44 -7.13 -6.95 54.89
CA GLU B 44 -6.15 -8.02 54.85
C GLU B 44 -5.87 -8.45 53.41
N ARG B 45 -4.79 -9.19 53.23
CA ARG B 45 -4.41 -9.68 51.91
C ARG B 45 -5.25 -10.91 51.56
N GLU B 46 -5.92 -10.86 50.42
CA GLU B 46 -6.76 -11.96 49.96
C GLU B 46 -6.16 -12.58 48.71
N GLY B 47 -6.63 -13.80 48.40
CA GLY B 47 -6.18 -14.51 47.22
C GLY B 47 -7.08 -14.24 46.03
N VAL B 48 -6.47 -14.11 44.85
CA VAL B 48 -7.19 -13.82 43.62
C VAL B 48 -7.28 -15.05 42.73
N SER B 49 -6.14 -15.63 42.36
CA SER B 49 -6.09 -16.70 41.39
C SER B 49 -4.75 -17.41 41.51
N TYR B 50 -4.75 -18.73 41.35
CA TYR B 50 -3.52 -19.48 41.23
C TYR B 50 -3.67 -20.54 40.13
N THR B 51 -2.53 -21.05 39.68
CA THR B 51 -2.51 -22.19 38.77
C THR B 51 -1.28 -23.03 39.07
N GLY B 52 -1.40 -24.33 38.84
CA GLY B 52 -0.30 -25.24 39.11
C GLY B 52 -0.80 -26.64 39.36
N TRP B 53 0.05 -27.47 39.93
CA TRP B 53 -0.26 -28.91 39.83
C TRP B 53 -1.23 -29.35 40.92
N SER B 58 -2.81 -37.24 37.63
CA SER B 58 -2.04 -36.01 37.73
C SER B 58 -2.46 -35.01 36.65
N GLY B 59 -2.46 -33.73 37.00
CA GLY B 59 -2.88 -32.69 36.07
C GLY B 59 -2.78 -31.33 36.73
N SER B 60 -3.13 -30.31 35.94
CA SER B 60 -3.05 -28.93 36.39
C SER B 60 -4.39 -28.46 36.94
N THR B 61 -4.33 -27.47 37.84
CA THR B 61 -5.54 -26.94 38.46
C THR B 61 -5.40 -25.42 38.55
N THR B 62 -6.34 -24.70 37.96
CA THR B 62 -6.40 -23.25 38.05
C THR B 62 -7.58 -22.83 38.91
N TYR B 63 -7.41 -21.74 39.65
CA TYR B 63 -8.41 -21.24 40.58
C TYR B 63 -8.72 -19.79 40.28
N TYR B 64 -9.97 -19.39 40.53
CA TYR B 64 -10.40 -18.01 40.44
C TYR B 64 -11.40 -17.72 41.53
N THR B 65 -11.24 -16.59 42.20
CA THR B 65 -12.17 -16.15 43.25
C THR B 65 -13.49 -15.70 42.61
N ASP B 66 -14.56 -15.68 43.41
CA ASP B 66 -15.88 -15.29 42.92
C ASP B 66 -15.92 -13.85 42.43
N SER B 67 -15.17 -12.96 43.09
CA SER B 67 -15.20 -11.54 42.72
C SER B 67 -14.50 -11.27 41.40
N VAL B 68 -13.63 -12.17 40.95
CA VAL B 68 -12.91 -12.03 39.69
C VAL B 68 -13.34 -13.08 38.68
N LYS B 69 -14.42 -13.80 38.95
CA LYS B 69 -14.86 -14.90 38.09
C LYS B 69 -15.40 -14.37 36.77
N GLY B 70 -14.89 -14.92 35.66
CA GLY B 70 -15.32 -14.53 34.34
C GLY B 70 -14.71 -13.24 33.81
N ARG B 71 -13.92 -12.54 34.62
CA ARG B 71 -13.27 -11.30 34.20
C ARG B 71 -11.76 -11.38 34.20
N PHE B 72 -11.18 -12.22 35.06
CA PHE B 72 -9.73 -12.34 35.18
C PHE B 72 -9.29 -13.63 34.52
N THR B 73 -8.04 -13.65 34.06
CA THR B 73 -7.48 -14.84 33.41
C THR B 73 -6.02 -14.96 33.79
N ILE B 74 -5.64 -16.08 34.41
CA ILE B 74 -4.26 -16.37 34.76
C ILE B 74 -3.67 -17.27 33.68
N SER B 75 -2.36 -17.13 33.46
CA SER B 75 -1.63 -17.95 32.50
C SER B 75 -0.16 -17.91 32.87
N ARG B 76 0.57 -18.93 32.44
CA ARG B 76 1.99 -19.02 32.72
C ARG B 76 2.75 -19.39 31.46
N ASP B 77 4.02 -18.97 31.42
CA ASP B 77 4.94 -19.30 30.33
C ASP B 77 6.16 -19.95 30.98
N ASN B 78 6.24 -21.29 30.90
CA ASN B 78 7.32 -22.02 31.55
C ASN B 78 8.66 -21.82 30.84
N ALA B 79 8.65 -21.39 29.58
CA ALA B 79 9.90 -21.13 28.88
C ALA B 79 10.55 -19.83 29.35
N LYS B 80 9.75 -18.78 29.52
CA LYS B 80 10.24 -17.48 29.93
C LYS B 80 10.15 -17.26 31.44
N ASN B 81 9.59 -18.22 32.19
CA ASN B 81 9.39 -18.17 33.64
C ASN B 81 8.59 -16.93 34.06
N THR B 82 7.47 -16.72 33.38
CA THR B 82 6.65 -15.53 33.58
C THR B 82 5.21 -15.93 33.86
N LEU B 83 4.59 -15.24 34.81
CA LEU B 83 3.18 -15.43 35.15
C LEU B 83 2.39 -14.19 34.73
N TYR B 84 1.20 -14.41 34.17
CA TYR B 84 0.38 -13.33 33.65
C TYR B 84 -0.98 -13.32 34.33
N LEU B 85 -1.59 -12.13 34.38
CA LEU B 85 -2.94 -11.94 34.90
C LEU B 85 -3.64 -10.91 34.02
N GLN B 86 -4.52 -11.39 33.13
CA GLN B 86 -5.29 -10.52 32.25
C GLN B 86 -6.55 -10.10 32.98
N MET B 87 -6.63 -8.82 33.33
CA MET B 87 -7.75 -8.27 34.09
C MET B 87 -8.62 -7.45 33.13
N ASN B 88 -9.78 -8.01 32.76
CA ASN B 88 -10.74 -7.32 31.91
C ASN B 88 -11.96 -6.91 32.73
N SER B 89 -12.64 -5.87 32.24
CA SER B 89 -13.86 -5.29 32.84
C SER B 89 -13.63 -4.90 34.30
N LEU B 90 -12.67 -4.00 34.50
CA LEU B 90 -12.24 -3.65 35.84
C LEU B 90 -13.27 -2.77 36.54
N LYS B 91 -13.60 -3.13 37.76
CA LYS B 91 -14.47 -2.53 38.75
C LYS B 91 -13.66 -1.74 39.77
N PRO B 92 -14.25 -0.72 40.39
CA PRO B 92 -13.52 0.02 41.45
C PRO B 92 -13.22 -0.81 42.69
N GLU B 93 -13.93 -1.91 42.92
CA GLU B 93 -13.62 -2.80 44.04
C GLU B 93 -12.36 -3.63 43.79
N ASP B 94 -11.84 -3.66 42.56
CA ASP B 94 -10.60 -4.37 42.26
C ASP B 94 -9.35 -3.56 42.58
N THR B 95 -9.50 -2.37 43.17
CA THR B 95 -8.37 -1.49 43.44
C THR B 95 -7.59 -2.01 44.64
N ALA B 96 -6.36 -2.45 44.40
CA ALA B 96 -5.50 -3.02 45.44
C ALA B 96 -4.06 -3.01 44.92
N MET B 97 -3.13 -3.42 45.79
CA MET B 97 -1.77 -3.74 45.35
C MET B 97 -1.71 -5.24 45.14
N TYR B 98 -1.31 -5.65 43.94
CA TYR B 98 -1.38 -7.04 43.51
C TYR B 98 -0.01 -7.70 43.66
N TYR B 99 0.02 -8.82 44.37
CA TYR B 99 1.26 -9.54 44.64
C TYR B 99 1.29 -10.85 43.86
N CYS B 100 2.51 -11.27 43.52
CA CYS B 100 2.77 -12.52 42.78
C CYS B 100 3.50 -13.47 43.72
N ALA B 101 2.87 -14.59 44.05
CA ALA B 101 3.38 -15.50 45.05
C ALA B 101 3.64 -16.88 44.45
N ALA B 102 4.40 -17.70 45.18
CA ALA B 102 4.82 -19.02 44.73
C ALA B 102 4.71 -20.02 45.87
N ALA B 103 4.23 -21.22 45.56
CA ALA B 103 4.13 -22.31 46.51
C ALA B 103 4.82 -23.55 45.95
N ARG B 104 5.11 -24.50 46.83
CA ARG B 104 5.71 -25.78 46.44
C ARG B 104 4.70 -26.90 46.67
N TYR B 105 4.48 -27.71 45.64
CA TYR B 105 3.44 -28.73 45.67
C TYR B 105 3.98 -30.05 46.19
N ARG B 106 3.14 -30.75 46.95
CA ARG B 106 3.43 -32.08 47.50
C ARG B 106 2.10 -32.82 47.61
N GLY B 107 2.05 -33.85 48.44
CA GLY B 107 0.83 -34.63 48.55
C GLY B 107 0.99 -36.14 48.65
N ILE B 108 0.52 -36.89 47.66
CA ILE B 108 0.18 -36.40 46.33
C ILE B 108 -1.30 -36.01 46.20
N GLY B 109 -2.07 -36.30 47.24
CA GLY B 109 -3.48 -35.93 47.23
C GLY B 109 -3.81 -34.76 48.12
N SER B 110 -2.84 -33.92 48.40
CA SER B 110 -3.05 -32.74 49.24
C SER B 110 -3.54 -31.57 48.38
N GLN B 111 -3.92 -30.49 49.06
CA GLN B 111 -4.43 -29.30 48.41
C GLN B 111 -3.54 -28.10 48.72
N VAL B 112 -3.44 -27.21 47.75
CA VAL B 112 -2.78 -25.92 47.98
C VAL B 112 -3.74 -25.07 48.80
N ARG B 113 -3.36 -24.76 50.04
CA ARG B 113 -4.03 -23.74 50.82
C ARG B 113 -3.25 -22.43 50.70
N TRP B 114 -3.87 -21.34 51.17
CA TRP B 114 -3.28 -20.01 51.02
C TRP B 114 -1.95 -19.87 51.77
N THR B 115 -1.78 -20.62 52.85
CA THR B 115 -0.56 -20.54 53.64
C THR B 115 0.62 -21.24 53.00
N ASP B 116 0.41 -21.99 51.91
CA ASP B 116 1.50 -22.68 51.24
C ASP B 116 2.38 -21.74 50.43
N PHE B 117 1.91 -20.53 50.14
CA PHE B 117 2.68 -19.58 49.35
C PHE B 117 3.76 -18.94 50.23
N ILE B 118 5.01 -19.18 49.88
CA ILE B 118 6.16 -18.84 50.72
C ILE B 118 6.97 -17.70 50.11
N TYR B 119 7.29 -17.80 48.82
CA TYR B 119 8.03 -16.75 48.13
C TYR B 119 7.05 -15.70 47.59
N TRP B 120 7.38 -14.43 47.83
CA TRP B 120 6.51 -13.32 47.45
C TRP B 120 7.29 -12.27 46.69
N GLY B 121 6.55 -11.42 45.97
CA GLY B 121 7.11 -10.28 45.29
C GLY B 121 6.77 -8.98 46.01
N GLN B 122 7.35 -7.88 45.51
CA GLN B 122 7.13 -6.58 46.13
C GLN B 122 5.75 -6.02 45.80
N GLY B 123 5.19 -6.36 44.65
CA GLY B 123 3.84 -5.98 44.30
C GLY B 123 3.80 -4.89 43.24
N THR B 124 2.59 -4.64 42.75
CA THR B 124 2.33 -3.55 41.82
C THR B 124 0.93 -3.01 42.09
N GLN B 125 0.76 -1.71 41.92
CA GLN B 125 -0.49 -1.06 42.28
C GLN B 125 -1.43 -0.98 41.08
N VAL B 126 -2.67 -1.42 41.29
CA VAL B 126 -3.74 -1.33 40.30
C VAL B 126 -4.82 -0.43 40.88
N THR B 127 -5.12 0.67 40.20
CA THR B 127 -6.11 1.63 40.66
C THR B 127 -7.20 1.78 39.60
N VAL B 128 -8.43 1.49 39.99
CA VAL B 128 -9.60 1.63 39.11
C VAL B 128 -10.47 2.74 39.68
N SER B 129 -10.46 3.90 39.04
CA SER B 129 -11.20 5.06 39.51
C SER B 129 -12.60 5.08 38.90
N SER B 130 -13.44 5.98 39.40
CA SER B 130 -14.81 6.11 38.94
C SER B 130 -14.86 6.81 37.57
N VAL C 2 -23.47 14.16 15.27
CA VAL C 2 -22.32 13.28 15.10
C VAL C 2 -21.33 13.42 16.25
N GLN C 3 -21.25 12.38 17.09
CA GLN C 3 -20.38 12.38 18.26
C GLN C 3 -19.51 11.13 18.26
N LEU C 4 -18.29 11.29 18.75
CA LEU C 4 -17.35 10.18 18.93
C LEU C 4 -16.71 10.32 20.30
N VAL C 5 -17.04 9.42 21.22
CA VAL C 5 -16.59 9.48 22.61
C VAL C 5 -15.62 8.35 22.85
N GLU C 6 -14.37 8.69 23.20
CA GLU C 6 -13.35 7.70 23.48
C GLU C 6 -13.34 7.32 24.96
N SER C 7 -12.83 6.12 25.23
CA SER C 7 -12.75 5.62 26.59
C SER C 7 -11.65 4.56 26.64
N GLY C 8 -11.32 4.14 27.85
CA GLY C 8 -10.38 3.04 28.03
C GLY C 8 -8.93 3.43 28.20
N GLY C 9 -8.61 4.72 28.19
CA GLY C 9 -7.25 5.16 28.38
C GLY C 9 -6.84 5.18 29.84
N GLY C 10 -5.60 5.58 30.07
CA GLY C 10 -5.11 5.70 31.44
C GLY C 10 -3.59 5.68 31.49
N LEU C 11 -3.07 5.20 32.62
CA LEU C 11 -1.65 5.14 32.90
C LEU C 11 -1.24 3.71 33.21
N VAL C 12 -0.10 3.26 32.67
CA VAL C 12 0.33 1.88 32.82
C VAL C 12 1.86 1.84 32.76
N GLN C 13 2.43 0.79 33.37
CA GLN C 13 3.85 0.52 33.27
C GLN C 13 4.20 -0.01 31.88
N ALA C 14 5.50 -0.02 31.58
CA ALA C 14 5.98 -0.57 30.32
C ALA C 14 5.77 -2.07 30.29
N GLY C 15 5.28 -2.57 29.15
CA GLY C 15 4.91 -3.96 29.01
C GLY C 15 3.46 -4.26 29.35
N GLY C 16 2.75 -3.33 29.98
CA GLY C 16 1.36 -3.53 30.31
C GLY C 16 0.46 -3.42 29.09
N SER C 17 -0.85 -3.49 29.36
CA SER C 17 -1.82 -3.52 28.28
C SER C 17 -3.00 -2.61 28.60
N LEU C 18 -3.60 -2.06 27.54
CA LEU C 18 -4.81 -1.25 27.63
C LEU C 18 -5.72 -1.60 26.47
N ARG C 19 -6.99 -1.21 26.60
CA ARG C 19 -7.98 -1.45 25.55
C ARG C 19 -8.85 -0.20 25.44
N LEU C 20 -8.76 0.48 24.30
CA LEU C 20 -9.55 1.67 24.04
C LEU C 20 -10.88 1.30 23.38
N SER C 21 -11.89 2.12 23.63
CA SER C 21 -13.21 1.96 23.04
C SER C 21 -13.69 3.30 22.53
N CYS C 22 -14.55 3.27 21.51
CA CYS C 22 -15.05 4.50 20.89
C CYS C 22 -16.47 4.24 20.41
N THR C 23 -17.45 4.67 21.21
CA THR C 23 -18.84 4.59 20.80
C THR C 23 -19.18 5.74 19.87
N ALA C 24 -20.15 5.50 18.99
CA ALA C 24 -20.43 6.40 17.88
C ALA C 24 -21.91 6.79 17.87
N SER C 25 -22.17 8.09 17.79
CA SER C 25 -23.54 8.60 17.65
C SER C 25 -23.93 8.53 16.18
N GLY C 26 -25.04 9.18 15.81
CA GLY C 26 -25.70 8.85 14.55
C GLY C 26 -25.01 9.27 13.27
N PHE C 27 -24.36 8.29 12.61
CA PHE C 27 -23.93 8.47 11.23
C PHE C 27 -23.94 7.19 10.38
N THR C 28 -24.57 6.09 10.82
CA THR C 28 -24.51 4.75 10.19
C THR C 28 -23.08 4.21 10.14
N PHE C 29 -22.64 3.78 11.33
CA PHE C 29 -21.28 3.32 11.63
C PHE C 29 -20.74 2.24 10.68
N ASP C 30 -21.58 1.27 10.30
CA ASP C 30 -21.08 0.08 9.62
C ASP C 30 -20.67 0.33 8.17
N ASP C 31 -20.97 1.48 7.60
CA ASP C 31 -20.57 1.80 6.24
C ASP C 31 -19.35 2.70 6.18
N TYR C 32 -18.81 3.12 7.31
CA TYR C 32 -17.72 4.08 7.35
C TYR C 32 -16.41 3.38 7.71
N THR C 33 -15.31 3.92 7.20
CA THR C 33 -13.99 3.40 7.56
C THR C 33 -13.54 4.14 8.81
N MET C 34 -13.36 3.39 9.89
CA MET C 34 -13.02 3.95 11.20
C MET C 34 -11.53 3.77 11.46
N GLY C 35 -10.95 4.72 12.20
CA GLY C 35 -9.52 4.70 12.43
C GLY C 35 -9.12 5.28 13.77
N TRP C 36 -7.89 4.95 14.17
CA TRP C 36 -7.27 5.46 15.40
C TRP C 36 -6.06 6.30 15.03
N PHE C 37 -5.96 7.48 15.63
CA PHE C 37 -4.81 8.36 15.48
C PHE C 37 -4.18 8.57 16.85
N ARG C 38 -2.96 9.11 16.87
CA ARG C 38 -2.33 9.51 18.12
C ARG C 38 -1.45 10.72 17.90
N GLN C 39 -1.28 11.51 18.96
CA GLN C 39 -0.50 12.76 18.90
C GLN C 39 0.44 12.81 20.09
N ALA C 40 1.74 12.71 19.82
CA ALA C 40 2.78 12.81 20.83
C ALA C 40 2.89 14.26 21.34
N PRO C 41 3.41 14.45 22.56
CA PRO C 41 3.62 15.83 23.05
C PRO C 41 4.67 16.56 22.25
N GLY C 42 4.26 17.66 21.62
CA GLY C 42 5.14 18.47 20.80
C GLY C 42 5.27 18.03 19.35
N LYS C 43 4.69 16.89 18.98
CA LYS C 43 4.78 16.38 17.63
C LYS C 43 3.43 16.48 16.93
N GLU C 44 3.45 16.22 15.62
CA GLU C 44 2.23 16.17 14.83
C GLU C 44 1.40 14.93 15.15
N ARG C 45 0.13 14.98 14.74
CA ARG C 45 -0.76 13.84 14.87
C ARG C 45 -0.48 12.83 13.78
N GLU C 46 -0.21 11.58 14.17
CA GLU C 46 0.07 10.51 13.24
C GLU C 46 -1.04 9.46 13.25
N GLY C 47 -1.07 8.65 12.22
CA GLY C 47 -2.05 7.58 12.10
C GLY C 47 -1.53 6.28 12.68
N VAL C 48 -2.41 5.56 13.36
CA VAL C 48 -2.07 4.31 14.03
C VAL C 48 -2.64 3.11 13.28
N SER C 49 -3.96 3.05 13.12
CA SER C 49 -4.62 1.90 12.56
C SER C 49 -6.00 2.33 12.08
N TYR C 50 -6.42 1.80 10.94
CA TYR C 50 -7.79 1.95 10.50
C TYR C 50 -8.30 0.61 9.99
N THR C 51 -9.63 0.48 9.97
CA THR C 51 -10.28 -0.62 9.29
C THR C 51 -11.51 -0.05 8.60
N GLY C 52 -11.84 -0.63 7.44
CA GLY C 52 -12.89 -0.08 6.63
C GLY C 52 -13.02 -0.85 5.34
N TRP C 53 -13.96 -0.38 4.52
CA TRP C 53 -14.60 -1.22 3.52
C TRP C 53 -14.45 -0.65 2.11
N SER C 54 -14.21 -1.53 1.15
CA SER C 54 -14.19 -1.19 -0.27
C SER C 54 -15.34 -1.86 -1.00
N GLY C 55 -15.81 -1.21 -2.06
CA GLY C 55 -16.78 -1.82 -2.94
C GLY C 55 -16.10 -2.42 -4.15
N SER C 56 -14.89 -1.94 -4.44
CA SER C 56 -14.12 -2.38 -5.60
C SER C 56 -13.32 -3.65 -5.34
N MET C 57 -13.41 -4.22 -4.14
CA MET C 57 -12.82 -5.51 -3.88
C MET C 57 -13.79 -6.45 -3.19
N SER C 58 -14.99 -5.96 -2.88
CA SER C 58 -16.11 -6.55 -2.11
C SER C 58 -15.86 -6.59 -0.60
N GLY C 59 -14.71 -6.11 -0.10
CA GLY C 59 -14.44 -6.38 1.30
C GLY C 59 -13.66 -5.37 2.12
N SER C 60 -13.35 -5.79 3.36
CA SER C 60 -12.75 -4.95 4.38
C SER C 60 -11.23 -4.89 4.26
N THR C 61 -10.66 -3.74 4.61
CA THR C 61 -9.22 -3.54 4.62
C THR C 61 -8.82 -2.94 5.95
N THR C 62 -7.91 -3.60 6.67
CA THR C 62 -7.39 -3.09 7.93
C THR C 62 -5.92 -2.74 7.79
N TYR C 63 -5.49 -1.70 8.51
CA TYR C 63 -4.14 -1.17 8.43
C TYR C 63 -3.53 -1.09 9.82
N TYR C 64 -2.21 -1.25 9.89
CA TYR C 64 -1.44 -1.08 11.11
C TYR C 64 -0.10 -0.46 10.76
N THR C 65 0.29 0.59 11.49
CA THR C 65 1.59 1.23 11.30
C THR C 65 2.71 0.30 11.79
N ASP C 66 3.94 0.58 11.32
CA ASP C 66 5.10 -0.24 11.65
C ASP C 66 5.42 -0.23 13.14
N SER C 67 5.20 0.91 13.80
CA SER C 67 5.55 1.01 15.21
C SER C 67 4.59 0.26 16.12
N VAL C 68 3.39 -0.06 15.63
CA VAL C 68 2.40 -0.81 16.39
C VAL C 68 2.16 -2.18 15.79
N LYS C 69 3.03 -2.62 14.88
CA LYS C 69 2.85 -3.89 14.17
C LYS C 69 3.05 -5.07 15.11
N GLY C 70 2.08 -5.98 15.11
CA GLY C 70 2.13 -7.17 15.95
C GLY C 70 1.79 -6.95 17.40
N ARG C 71 1.56 -5.71 17.82
CA ARG C 71 1.23 -5.39 19.20
C ARG C 71 -0.16 -4.80 19.37
N PHE C 72 -0.69 -4.12 18.36
CA PHE C 72 -1.98 -3.47 18.43
C PHE C 72 -2.98 -4.25 17.59
N THR C 73 -4.26 -4.16 17.96
CA THR C 73 -5.32 -4.86 17.25
C THR C 73 -6.58 -3.99 17.22
N ILE C 74 -7.04 -3.69 16.01
CA ILE C 74 -8.27 -2.92 15.82
C ILE C 74 -9.41 -3.90 15.53
N SER C 75 -10.60 -3.53 15.98
CA SER C 75 -11.81 -4.32 15.76
C SER C 75 -13.01 -3.40 15.88
N ARG C 76 -14.12 -3.81 15.26
CA ARG C 76 -15.33 -3.03 15.29
C ARG C 76 -16.52 -3.93 15.60
N ASP C 77 -17.54 -3.34 16.21
CA ASP C 77 -18.81 -4.00 16.49
C ASP C 77 -19.90 -3.17 15.83
N ASN C 78 -20.38 -3.65 14.67
CA ASN C 78 -21.37 -2.90 13.91
C ASN C 78 -22.74 -2.90 14.57
N ALA C 79 -23.00 -3.84 15.47
CA ALA C 79 -24.26 -3.85 16.20
C ALA C 79 -24.32 -2.76 17.26
N LYS C 80 -23.23 -2.57 18.00
CA LYS C 80 -23.16 -1.58 19.07
C LYS C 80 -22.55 -0.26 18.63
N ASN C 81 -22.09 -0.17 17.38
CA ASN C 81 -21.45 1.02 16.80
C ASN C 81 -20.23 1.46 17.62
N THR C 82 -19.36 0.50 17.92
CA THR C 82 -18.19 0.71 18.77
C THR C 82 -16.93 0.23 18.08
N LEU C 83 -15.86 1.01 18.21
CA LEU C 83 -14.55 0.69 17.68
C LEU C 83 -13.60 0.41 18.84
N TYR C 84 -12.75 -0.61 18.68
CA TYR C 84 -11.85 -1.04 19.74
C TYR C 84 -10.41 -0.98 19.26
N LEU C 85 -9.49 -0.81 20.22
CA LEU C 85 -8.04 -0.84 19.96
C LEU C 85 -7.36 -1.54 21.12
N GLN C 86 -7.00 -2.81 20.93
CA GLN C 86 -6.33 -3.61 21.95
C GLN C 86 -4.83 -3.37 21.86
N MET C 87 -4.28 -2.67 22.83
CA MET C 87 -2.85 -2.30 22.84
C MET C 87 -2.13 -3.21 23.82
N ASN C 88 -1.39 -4.18 23.31
CA ASN C 88 -0.58 -5.07 24.12
C ASN C 88 0.89 -4.74 23.96
N SER C 89 1.68 -5.09 24.99
CA SER C 89 3.13 -4.88 25.06
C SER C 89 3.50 -3.41 24.86
N LEU C 90 2.94 -2.57 25.72
CA LEU C 90 3.06 -1.13 25.55
C LEU C 90 4.47 -0.67 25.90
N LYS C 91 5.04 0.12 25.01
CA LYS C 91 6.33 0.79 25.03
C LYS C 91 6.16 2.25 25.46
N PRO C 92 7.20 2.88 26.03
CA PRO C 92 7.08 4.30 26.38
C PRO C 92 6.96 5.24 25.18
N GLU C 93 7.33 4.79 23.97
CA GLU C 93 7.13 5.58 22.77
C GLU C 93 5.67 5.61 22.31
N ASP C 94 4.82 4.74 22.87
CA ASP C 94 3.39 4.74 22.55
C ASP C 94 2.60 5.77 23.34
N THR C 95 3.27 6.61 24.12
CA THR C 95 2.61 7.58 24.99
C THR C 95 2.13 8.75 24.15
N ALA C 96 0.82 8.93 24.08
CA ALA C 96 0.19 9.98 23.29
C ALA C 96 -1.26 10.15 23.74
N MET C 97 -1.92 11.15 23.16
CA MET C 97 -3.37 11.26 23.21
C MET C 97 -3.93 10.56 21.98
N TYR C 98 -4.82 9.59 22.19
CA TYR C 98 -5.32 8.75 21.10
C TYR C 98 -6.70 9.21 20.66
N TYR C 99 -6.85 9.48 19.36
CA TYR C 99 -8.09 9.97 18.80
C TYR C 99 -8.76 8.90 17.94
N CYS C 100 -10.09 8.97 17.87
CA CYS C 100 -10.90 8.03 17.12
C CYS C 100 -11.58 8.81 16.00
N ALA C 101 -11.22 8.50 14.75
CA ALA C 101 -11.67 9.27 13.60
C ALA C 101 -12.49 8.42 12.65
N ALA C 102 -13.20 9.10 11.74
CA ALA C 102 -14.09 8.46 10.79
C ALA C 102 -13.93 9.09 9.41
N ALA C 103 -13.86 8.25 8.38
CA ALA C 103 -13.85 8.70 7.01
C ALA C 103 -15.18 8.33 6.35
N ARG C 104 -15.62 9.18 5.42
CA ARG C 104 -17.04 9.38 5.19
C ARG C 104 -17.60 8.95 3.84
N TYR C 105 -16.77 8.64 2.84
CA TYR C 105 -17.30 8.40 1.51
C TYR C 105 -17.62 6.93 1.25
N ARG C 106 -17.61 6.09 2.29
CA ARG C 106 -18.25 4.79 2.40
C ARG C 106 -17.69 3.70 1.49
N GLY C 107 -16.62 3.93 0.74
CA GLY C 107 -16.11 2.87 -0.08
C GLY C 107 -14.61 2.78 -0.29
N ILE C 108 -13.83 3.34 0.63
CA ILE C 108 -12.38 3.49 0.44
C ILE C 108 -11.68 2.25 0.96
N GLY C 109 -11.03 1.51 0.06
CA GLY C 109 -10.21 0.40 0.50
C GLY C 109 -8.79 0.46 0.00
N SER C 110 -7.85 0.68 0.94
CA SER C 110 -6.39 0.79 0.78
C SER C 110 -5.93 2.02 -0.01
N GLN C 111 -6.88 2.78 -0.55
CA GLN C 111 -6.63 4.13 -1.05
C GLN C 111 -7.03 5.18 -0.03
N VAL C 112 -7.09 4.80 1.25
CA VAL C 112 -7.50 5.68 2.33
C VAL C 112 -6.37 6.66 2.62
N ARG C 113 -6.51 7.88 2.12
CA ARG C 113 -5.62 8.96 2.54
C ARG C 113 -5.92 9.34 3.98
N TRP C 114 -4.90 9.88 4.66
CA TRP C 114 -5.09 10.35 6.03
C TRP C 114 -6.02 11.55 6.09
N THR C 115 -6.09 12.32 5.00
CA THR C 115 -6.96 13.51 4.94
C THR C 115 -8.43 13.17 4.75
N ASP C 116 -8.77 11.90 4.49
CA ASP C 116 -10.16 11.51 4.32
C ASP C 116 -10.92 11.48 5.65
N PHE C 117 -10.21 11.43 6.77
CA PHE C 117 -10.86 11.36 8.08
C PHE C 117 -11.35 12.74 8.49
N ILE C 118 -12.66 12.87 8.62
CA ILE C 118 -13.33 14.17 8.74
C ILE C 118 -13.94 14.34 10.13
N TYR C 119 -14.66 13.35 10.62
CA TYR C 119 -15.24 13.39 11.95
C TYR C 119 -14.23 12.87 12.97
N TRP C 120 -14.07 13.61 14.08
CA TRP C 120 -13.09 13.27 15.09
C TRP C 120 -13.72 13.26 16.47
N GLY C 121 -13.04 12.57 17.40
CA GLY C 121 -13.41 12.58 18.80
C GLY C 121 -12.49 13.49 19.60
N GLN C 122 -12.82 13.62 20.90
CA GLN C 122 -12.04 14.51 21.76
C GLN C 122 -10.73 13.88 22.18
N GLY C 123 -10.66 12.56 22.24
CA GLY C 123 -9.43 11.85 22.55
C GLY C 123 -9.43 11.25 23.95
N THR C 124 -8.40 10.45 24.19
CA THR C 124 -8.16 9.88 25.51
C THR C 124 -6.65 9.74 25.71
N GLN C 125 -6.20 9.95 26.94
CA GLN C 125 -4.78 9.90 27.25
C GLN C 125 -4.33 8.47 27.50
N VAL C 126 -3.19 8.11 26.91
CA VAL C 126 -2.51 6.84 27.18
C VAL C 126 -1.09 7.19 27.57
N THR C 127 -0.70 6.83 28.80
CA THR C 127 0.62 7.14 29.32
C THR C 127 1.31 5.84 29.71
N VAL C 128 2.47 5.59 29.10
CA VAL C 128 3.29 4.41 29.40
C VAL C 128 4.57 4.90 30.03
N SER C 129 4.73 4.69 31.33
CA SER C 129 5.89 5.17 32.06
C SER C 129 6.97 4.10 32.12
N SER C 130 8.15 4.51 32.59
CA SER C 130 9.29 3.61 32.70
C SER C 130 9.13 2.65 33.87
N VAL D 2 8.94 38.68 -36.75
CA VAL D 2 8.21 37.45 -37.03
C VAL D 2 8.47 36.44 -35.91
N GLN D 3 7.47 36.18 -35.08
CA GLN D 3 7.58 35.26 -33.96
C GLN D 3 6.45 34.24 -34.01
N LEU D 4 6.76 33.01 -33.60
CA LEU D 4 5.77 31.94 -33.48
C LEU D 4 6.00 31.27 -32.13
N VAL D 5 5.05 31.44 -31.21
CA VAL D 5 5.17 30.94 -29.84
C VAL D 5 4.17 29.81 -29.65
N GLU D 6 4.67 28.62 -29.36
CA GLU D 6 3.82 27.46 -29.13
C GLU D 6 3.47 27.34 -27.65
N SER D 7 2.33 26.69 -27.38
CA SER D 7 1.86 26.47 -26.03
C SER D 7 0.94 25.27 -26.02
N GLY D 8 0.57 24.83 -24.82
CA GLY D 8 -0.40 23.77 -24.66
C GLY D 8 0.16 22.37 -24.59
N GLY D 9 1.48 22.20 -24.63
CA GLY D 9 2.07 20.89 -24.53
C GLY D 9 2.17 20.42 -23.09
N GLY D 10 2.72 19.22 -22.93
CA GLY D 10 2.92 18.68 -21.59
C GLY D 10 3.02 17.16 -21.63
N LEU D 11 2.66 16.56 -20.50
CA LEU D 11 2.77 15.12 -20.30
C LEU D 11 1.40 14.54 -19.99
N VAL D 12 1.10 13.38 -20.58
CA VAL D 12 -0.20 12.74 -20.43
C VAL D 12 -0.03 11.24 -20.59
N GLN D 13 -0.98 10.48 -20.02
CA GLN D 13 -1.01 9.04 -20.19
C GLN D 13 -1.53 8.68 -21.58
N ALA D 14 -1.46 7.39 -21.89
CA ALA D 14 -1.95 6.90 -23.18
C ALA D 14 -3.49 6.94 -23.19
N GLY D 15 -4.04 7.44 -24.30
CA GLY D 15 -5.47 7.66 -24.41
C GLY D 15 -5.93 9.05 -24.02
N GLY D 16 -5.08 9.83 -23.37
CA GLY D 16 -5.43 11.19 -22.98
C GLY D 16 -5.44 12.15 -24.15
N SER D 17 -5.69 13.41 -23.83
CA SER D 17 -5.85 14.42 -24.88
C SER D 17 -5.11 15.70 -24.49
N LEU D 18 -4.63 16.41 -25.51
CA LEU D 18 -3.99 17.70 -25.36
C LEU D 18 -4.48 18.62 -26.47
N ARG D 19 -4.21 19.92 -26.31
CA ARG D 19 -4.57 20.91 -27.32
C ARG D 19 -3.46 21.95 -27.39
N LEU D 20 -2.77 22.00 -28.52
CA LEU D 20 -1.69 22.95 -28.74
C LEU D 20 -2.23 24.25 -29.32
N SER D 21 -1.54 25.35 -29.01
CA SER D 21 -1.86 26.66 -29.56
C SER D 21 -0.58 27.31 -30.07
N CYS D 22 -0.74 28.22 -31.02
CA CYS D 22 0.41 28.88 -31.64
C CYS D 22 -0.03 30.28 -32.06
N THR D 23 0.29 31.28 -31.24
CA THR D 23 0.04 32.66 -31.59
C THR D 23 1.14 33.18 -32.52
N ALA D 24 0.76 34.09 -33.41
CA ALA D 24 1.65 34.58 -34.45
C ALA D 24 1.83 36.09 -34.33
N SER D 25 3.08 36.54 -34.45
CA SER D 25 3.44 37.94 -34.45
C SER D 25 3.36 38.49 -35.87
N GLY D 26 3.95 39.66 -36.13
CA GLY D 26 3.68 40.42 -37.33
C GLY D 26 4.05 39.79 -38.65
N PHE D 27 3.02 39.35 -39.37
CA PHE D 27 2.90 38.92 -40.76
C PHE D 27 1.45 38.52 -40.90
N THR D 28 0.96 38.62 -42.12
CA THR D 28 -0.47 38.42 -42.36
C THR D 28 -0.78 36.95 -42.19
N PHE D 29 -1.32 36.61 -41.01
CA PHE D 29 -1.63 35.22 -40.66
C PHE D 29 -2.66 34.60 -41.60
N ASP D 30 -3.70 35.35 -41.97
CA ASP D 30 -4.81 34.79 -42.72
C ASP D 30 -4.49 34.54 -44.19
N ASP D 31 -3.33 34.98 -44.68
CA ASP D 31 -2.91 34.73 -46.05
C ASP D 31 -1.82 33.68 -46.17
N TYR D 32 -1.44 33.04 -45.06
CA TYR D 32 -0.36 32.06 -45.04
C TYR D 32 -0.92 30.68 -44.74
N THR D 33 -0.28 29.65 -45.28
CA THR D 33 -0.63 28.27 -44.97
C THR D 33 0.13 27.85 -43.72
N MET D 34 -0.60 27.56 -42.65
CA MET D 34 -0.02 27.25 -41.35
C MET D 34 -0.03 25.75 -41.12
N GLY D 35 1.02 25.24 -40.48
CA GLY D 35 1.18 23.81 -40.33
C GLY D 35 1.81 23.43 -38.99
N TRP D 36 1.70 22.14 -38.69
CA TRP D 36 2.29 21.54 -37.50
C TRP D 36 3.28 20.46 -37.91
N PHE D 37 4.47 20.50 -37.32
CA PHE D 37 5.50 19.49 -37.51
C PHE D 37 5.80 18.83 -36.17
N ARG D 38 6.47 17.68 -36.22
CA ARG D 38 6.95 17.05 -35.00
C ARG D 38 8.26 16.34 -35.26
N GLN D 39 9.07 16.21 -34.22
CA GLN D 39 10.40 15.61 -34.32
C GLN D 39 10.59 14.64 -33.17
N ALA D 40 10.63 13.34 -33.49
CA ALA D 40 10.88 12.30 -32.52
C ALA D 40 12.32 12.36 -32.02
N PRO D 41 12.60 11.82 -30.82
CA PRO D 41 14.00 11.76 -30.34
C PRO D 41 14.85 10.83 -31.20
N GLY D 42 15.88 11.40 -31.82
CA GLY D 42 16.78 10.64 -32.68
C GLY D 42 16.36 10.53 -34.12
N LYS D 43 15.14 10.95 -34.46
CA LYS D 43 14.62 10.86 -35.83
C LYS D 43 14.55 12.25 -36.45
N GLU D 44 14.28 12.26 -37.75
CA GLU D 44 14.14 13.50 -38.49
C GLU D 44 12.79 14.14 -38.21
N ARG D 45 12.67 15.42 -38.58
CA ARG D 45 11.44 16.17 -38.37
C ARG D 45 10.44 15.81 -39.48
N GLU D 46 9.25 15.36 -39.09
CA GLU D 46 8.21 14.99 -40.03
C GLU D 46 7.04 15.96 -39.93
N GLY D 47 6.20 15.95 -40.96
CA GLY D 47 5.03 16.80 -41.00
C GLY D 47 3.80 16.08 -40.44
N VAL D 48 2.98 16.84 -39.72
CA VAL D 48 1.78 16.31 -39.07
C VAL D 48 0.53 16.74 -39.80
N SER D 49 0.32 18.05 -39.93
CA SER D 49 -0.92 18.60 -40.46
C SER D 49 -0.67 20.04 -40.87
N TYR D 50 -1.29 20.46 -41.98
CA TYR D 50 -1.32 21.87 -42.34
C TYR D 50 -2.72 22.24 -42.84
N THR D 51 -2.97 23.55 -42.88
CA THR D 51 -4.19 24.07 -43.49
C THR D 51 -3.87 25.41 -44.11
N GLY D 52 -4.58 25.73 -45.19
CA GLY D 52 -4.34 26.98 -45.90
C GLY D 52 -4.78 26.88 -47.34
N TRP D 53 -4.02 27.60 -48.17
CA TRP D 53 -4.09 27.59 -49.63
C TRP D 53 -4.00 26.17 -50.20
N SER D 54 -4.72 25.95 -51.29
CA SER D 54 -4.69 24.68 -52.02
C SER D 54 -3.46 24.57 -52.92
N MET D 57 -6.12 30.37 -56.39
CA MET D 57 -7.42 29.83 -56.78
C MET D 57 -8.45 30.04 -55.68
N SER D 58 -9.40 29.11 -55.57
CA SER D 58 -10.58 29.35 -54.74
C SER D 58 -10.34 29.07 -53.26
N GLY D 59 -10.13 27.81 -52.89
CA GLY D 59 -10.49 27.35 -51.57
C GLY D 59 -9.35 26.93 -50.66
N SER D 60 -9.76 26.52 -49.45
CA SER D 60 -8.87 26.03 -48.42
C SER D 60 -8.62 24.53 -48.57
N THR D 61 -7.44 24.10 -48.13
CA THR D 61 -7.05 22.70 -48.15
C THR D 61 -6.37 22.36 -46.83
N THR D 62 -6.91 21.37 -46.12
CA THR D 62 -6.32 20.87 -44.89
C THR D 62 -5.76 19.47 -45.12
N TYR D 63 -4.66 19.18 -44.44
CA TYR D 63 -3.94 17.92 -44.59
C TYR D 63 -3.77 17.25 -43.24
N TYR D 64 -3.76 15.92 -43.24
CA TYR D 64 -3.47 15.13 -42.06
C TYR D 64 -2.69 13.89 -42.47
N THR D 65 -1.63 13.58 -41.71
CA THR D 65 -0.81 12.41 -41.96
C THR D 65 -1.61 11.15 -41.54
N ASP D 66 -1.19 9.99 -42.08
CA ASP D 66 -1.87 8.73 -41.79
C ASP D 66 -1.79 8.35 -40.32
N SER D 67 -0.67 8.66 -39.67
CA SER D 67 -0.50 8.29 -38.26
C SER D 67 -1.36 9.11 -37.32
N VAL D 68 -1.84 10.27 -37.75
CA VAL D 68 -2.70 11.14 -36.95
C VAL D 68 -4.10 11.23 -37.53
N LYS D 69 -4.43 10.39 -38.51
CA LYS D 69 -5.71 10.45 -39.20
C LYS D 69 -6.85 10.04 -38.27
N GLY D 70 -7.88 10.88 -38.19
CA GLY D 70 -9.04 10.60 -37.37
C GLY D 70 -8.87 10.89 -35.90
N ARG D 71 -7.68 11.26 -35.46
CA ARG D 71 -7.41 11.58 -34.07
C ARG D 71 -7.00 13.02 -33.83
N PHE D 72 -6.38 13.66 -34.81
CA PHE D 72 -5.89 15.02 -34.69
C PHE D 72 -6.82 15.95 -35.48
N THR D 73 -6.88 17.21 -35.05
CA THR D 73 -7.71 18.20 -35.71
C THR D 73 -7.01 19.55 -35.68
N ILE D 74 -6.75 20.10 -36.86
CA ILE D 74 -6.15 21.43 -36.98
C ILE D 74 -7.26 22.45 -37.22
N SER D 75 -7.03 23.67 -36.73
CA SER D 75 -7.96 24.78 -36.91
C SER D 75 -7.20 26.07 -36.74
N ARG D 76 -7.74 27.15 -37.32
CA ARG D 76 -7.11 28.46 -37.23
C ARG D 76 -8.15 29.51 -36.88
N ASP D 77 -7.67 30.58 -36.24
CA ASP D 77 -8.49 31.74 -35.90
C ASP D 77 -7.80 32.96 -36.51
N ASN D 78 -8.32 33.45 -37.63
CA ASN D 78 -7.70 34.55 -38.33
C ASN D 78 -7.87 35.88 -37.60
N ALA D 79 -8.84 35.98 -36.69
CA ALA D 79 -9.00 37.20 -35.92
C ALA D 79 -7.94 37.33 -34.84
N LYS D 80 -7.63 36.23 -34.15
CA LYS D 80 -6.65 36.24 -33.07
C LYS D 80 -5.26 35.80 -33.53
N ASN D 81 -5.11 35.43 -34.80
CA ASN D 81 -3.86 34.96 -35.41
C ASN D 81 -3.27 33.76 -34.65
N THR D 82 -4.11 32.77 -34.40
CA THR D 82 -3.75 31.62 -33.60
C THR D 82 -4.06 30.34 -34.36
N LEU D 83 -3.15 29.38 -34.27
CA LEU D 83 -3.32 28.06 -34.86
C LEU D 83 -3.48 27.03 -33.74
N TYR D 84 -4.39 26.08 -33.94
CA TYR D 84 -4.70 25.08 -32.93
C TYR D 84 -4.49 23.67 -33.47
N LEU D 85 -4.18 22.74 -32.55
CA LEU D 85 -4.05 21.33 -32.88
C LEU D 85 -4.66 20.53 -31.73
N GLN D 86 -5.87 20.01 -31.95
CA GLN D 86 -6.56 19.19 -30.96
C GLN D 86 -6.13 17.74 -31.14
N MET D 87 -5.37 17.22 -30.18
CA MET D 87 -4.83 15.87 -30.24
C MET D 87 -5.63 14.99 -29.29
N ASN D 88 -6.49 14.13 -29.84
CA ASN D 88 -7.28 13.19 -29.06
C ASN D 88 -6.76 11.77 -29.29
N SER D 89 -7.01 10.92 -28.30
CA SER D 89 -6.62 9.49 -28.28
C SER D 89 -5.12 9.32 -28.51
N LEU D 90 -4.35 9.92 -27.61
CA LEU D 90 -2.90 9.98 -27.78
C LEU D 90 -2.26 8.63 -27.50
N LYS D 91 -1.40 8.21 -28.41
CA LYS D 91 -0.57 7.02 -28.47
C LYS D 91 0.86 7.36 -28.04
N PRO D 92 1.62 6.38 -27.52
CA PRO D 92 3.02 6.66 -27.17
C PRO D 92 3.92 6.96 -28.37
N GLU D 93 3.52 6.58 -29.58
CA GLU D 93 4.28 6.93 -30.78
C GLU D 93 4.13 8.40 -31.16
N ASP D 94 3.17 9.12 -30.56
CA ASP D 94 3.00 10.55 -30.81
C ASP D 94 3.94 11.43 -29.98
N THR D 95 4.86 10.82 -29.22
CA THR D 95 5.74 11.56 -28.33
C THR D 95 6.84 12.23 -29.14
N ALA D 96 6.81 13.56 -29.19
CA ALA D 96 7.78 14.35 -29.96
C ALA D 96 7.73 15.78 -29.45
N MET D 97 8.62 16.60 -30.01
CA MET D 97 8.55 18.06 -29.86
C MET D 97 7.81 18.61 -31.06
N TYR D 98 6.71 19.33 -30.82
CA TYR D 98 5.81 19.76 -31.88
C TYR D 98 6.10 21.20 -32.25
N TYR D 99 6.33 21.45 -33.55
CA TYR D 99 6.67 22.77 -34.06
C TYR D 99 5.51 23.33 -34.87
N CYS D 100 5.41 24.65 -34.87
CA CYS D 100 4.38 25.40 -35.59
C CYS D 100 5.08 26.21 -36.69
N ALA D 101 4.80 25.88 -37.95
CA ALA D 101 5.50 26.46 -39.08
C ALA D 101 4.54 27.21 -39.99
N ALA D 102 5.11 28.03 -40.87
CA ALA D 102 4.35 28.90 -41.76
C ALA D 102 4.97 28.89 -43.14
N ALA D 103 4.12 28.85 -44.18
CA ALA D 103 4.55 28.91 -45.56
C ALA D 103 3.80 30.02 -46.28
N ARG D 104 4.39 30.46 -47.39
CA ARG D 104 3.87 31.58 -48.17
C ARG D 104 3.66 31.26 -49.64
N TYR D 105 4.12 30.11 -50.13
CA TYR D 105 4.21 29.86 -51.56
C TYR D 105 2.84 29.53 -52.13
N ARG D 106 2.31 30.46 -52.94
CA ARG D 106 1.01 30.32 -53.61
C ARG D 106 1.21 30.62 -55.09
N GLY D 107 1.51 29.58 -55.87
CA GLY D 107 1.60 29.71 -57.32
C GLY D 107 0.26 29.51 -57.99
N ILE D 108 0.19 28.64 -59.00
CA ILE D 108 -1.10 28.27 -59.59
C ILE D 108 -1.22 26.75 -59.63
N GLY D 109 -0.09 26.05 -59.75
CA GLY D 109 -0.11 24.61 -59.66
C GLY D 109 0.56 24.15 -58.39
N SER D 110 0.56 25.02 -57.39
CA SER D 110 1.40 24.86 -56.20
C SER D 110 0.65 24.10 -55.12
N GLN D 111 0.74 22.78 -55.17
CA GLN D 111 0.43 22.01 -53.99
C GLN D 111 1.52 22.22 -52.95
N VAL D 112 1.13 22.21 -51.69
CA VAL D 112 2.03 22.60 -50.60
C VAL D 112 3.07 21.50 -50.40
N ARG D 113 4.35 21.88 -50.51
CA ARG D 113 5.45 20.98 -50.18
C ARG D 113 5.83 21.15 -48.72
N TRP D 114 6.73 20.26 -48.26
CA TRP D 114 7.24 20.46 -46.90
C TRP D 114 8.34 21.51 -46.84
N THR D 115 9.08 21.70 -47.92
CA THR D 115 10.17 22.67 -47.94
C THR D 115 9.67 24.11 -48.06
N ASP D 116 8.37 24.33 -48.30
CA ASP D 116 7.86 25.69 -48.42
C ASP D 116 7.74 26.38 -47.07
N PHE D 117 7.77 25.63 -45.96
CA PHE D 117 7.63 26.22 -44.64
C PHE D 117 8.95 26.87 -44.23
N ILE D 118 8.92 28.18 -44.05
CA ILE D 118 10.12 29.00 -43.87
C ILE D 118 10.22 29.54 -42.45
N TYR D 119 9.13 30.10 -41.93
CA TYR D 119 9.11 30.60 -40.57
C TYR D 119 8.74 29.49 -39.61
N TRP D 120 9.50 29.36 -38.51
CA TRP D 120 9.31 28.29 -37.55
C TRP D 120 9.25 28.85 -36.14
N GLY D 121 8.70 28.04 -35.23
CA GLY D 121 8.67 28.35 -33.82
C GLY D 121 9.67 27.51 -33.04
N GLN D 122 9.78 27.82 -31.75
CA GLN D 122 10.74 27.11 -30.91
C GLN D 122 10.26 25.71 -30.54
N GLY D 123 8.95 25.50 -30.47
CA GLY D 123 8.39 24.19 -30.25
C GLY D 123 7.83 24.02 -28.85
N THR D 124 7.14 22.90 -28.66
CA THR D 124 6.64 22.50 -27.35
C THR D 124 6.67 20.98 -27.26
N GLN D 125 6.97 20.49 -26.06
CA GLN D 125 7.07 19.06 -25.82
C GLN D 125 5.71 18.43 -25.61
N VAL D 126 5.50 17.28 -26.23
CA VAL D 126 4.34 16.43 -25.93
C VAL D 126 4.87 15.04 -25.61
N THR D 127 4.57 14.56 -24.40
CA THR D 127 5.04 13.26 -23.94
C THR D 127 3.84 12.40 -23.58
N VAL D 128 3.72 11.25 -24.24
CA VAL D 128 2.67 10.28 -23.97
C VAL D 128 3.33 9.03 -23.41
N SER D 129 3.18 8.82 -22.11
CA SER D 129 3.79 7.69 -21.44
C SER D 129 2.85 6.48 -21.43
N SER D 130 3.40 5.34 -21.01
CA SER D 130 2.63 4.10 -20.97
C SER D 130 1.66 4.09 -19.79
N VAL E 2 27.16 -7.11 -41.49
CA VAL E 2 27.80 -5.92 -40.94
C VAL E 2 26.74 -4.85 -40.70
N GLN E 3 26.45 -4.58 -39.42
CA GLN E 3 25.45 -3.60 -39.04
C GLN E 3 26.03 -2.62 -38.03
N LEU E 4 25.61 -1.37 -38.12
CA LEU E 4 25.99 -0.32 -37.17
C LEU E 4 24.72 0.42 -36.78
N VAL E 5 24.28 0.26 -35.54
CA VAL E 5 23.02 0.83 -35.05
C VAL E 5 23.36 1.94 -34.06
N GLU E 6 22.95 3.16 -34.37
CA GLU E 6 23.17 4.30 -33.49
C GLU E 6 21.99 4.49 -32.54
N SER E 7 22.28 5.11 -31.40
CA SER E 7 21.27 5.38 -30.39
C SER E 7 21.73 6.56 -29.54
N GLY E 8 20.83 7.04 -28.69
CA GLY E 8 21.17 8.07 -27.73
C GLY E 8 20.95 9.49 -28.18
N GLY E 9 20.44 9.70 -29.40
CA GLY E 9 20.17 11.03 -29.88
C GLY E 9 18.87 11.59 -29.35
N GLY E 10 18.56 12.81 -29.76
CA GLY E 10 17.30 13.42 -29.36
C GLY E 10 17.38 14.94 -29.46
N LEU E 11 16.56 15.59 -28.64
CA LEU E 11 16.42 17.04 -28.64
C LEU E 11 16.77 17.58 -27.26
N VAL E 12 17.49 18.71 -27.23
CA VAL E 12 17.96 19.29 -25.98
C VAL E 12 18.12 20.80 -26.20
N GLN E 13 18.06 21.55 -25.09
CA GLN E 13 18.31 22.98 -25.14
C GLN E 13 19.81 23.25 -25.23
N ALA E 14 20.14 24.52 -25.42
CA ALA E 14 21.55 24.92 -25.51
C ALA E 14 22.22 24.82 -24.15
N GLY E 15 23.41 24.25 -24.12
CA GLY E 15 24.11 23.97 -22.89
C GLY E 15 23.88 22.59 -22.32
N GLY E 16 22.87 21.87 -22.81
CA GLY E 16 22.59 20.54 -22.34
C GLY E 16 23.59 19.51 -22.85
N SER E 17 23.33 18.26 -22.49
CA SER E 17 24.27 17.18 -22.80
C SER E 17 23.53 15.96 -23.31
N LEU E 18 24.20 15.23 -24.20
CA LEU E 18 23.71 13.96 -24.73
C LEU E 18 24.86 12.96 -24.76
N ARG E 19 24.53 11.69 -24.96
CA ARG E 19 25.52 10.63 -25.07
C ARG E 19 25.05 9.63 -26.12
N LEU E 20 25.78 9.54 -27.23
CA LEU E 20 25.45 8.62 -28.30
C LEU E 20 26.13 7.27 -28.08
N SER E 21 25.48 6.23 -28.57
CA SER E 21 26.03 4.88 -28.53
C SER E 21 25.91 4.25 -29.91
N CYS E 22 26.78 3.28 -30.19
CA CYS E 22 26.81 2.62 -31.50
C CYS E 22 27.28 1.19 -31.29
N THR E 23 26.34 0.25 -31.24
CA THR E 23 26.69 -1.15 -31.18
C THR E 23 27.02 -1.68 -32.57
N ALA E 24 27.92 -2.65 -32.63
CA ALA E 24 28.45 -3.16 -33.88
C ALA E 24 28.18 -4.65 -34.01
N SER E 25 27.73 -5.06 -35.20
CA SER E 25 27.48 -6.45 -35.54
C SER E 25 28.78 -7.07 -36.07
N GLY E 26 28.67 -8.23 -36.72
CA GLY E 26 29.82 -9.07 -37.01
C GLY E 26 30.90 -8.49 -37.90
N PHE E 27 32.02 -8.15 -37.27
CA PHE E 27 33.38 -7.93 -37.74
C PHE E 27 34.16 -7.63 -36.47
N THR E 28 35.48 -7.71 -36.56
CA THR E 28 36.29 -7.49 -35.36
C THR E 28 36.31 -6.01 -35.03
N PHE E 29 35.52 -5.63 -34.02
CA PHE E 29 35.42 -4.24 -33.58
C PHE E 29 36.75 -3.70 -33.05
N ASP E 30 37.47 -4.51 -32.27
CA ASP E 30 38.66 -4.02 -31.59
C ASP E 30 39.87 -3.84 -32.50
N ASP E 31 39.78 -4.28 -33.76
CA ASP E 31 40.86 -4.08 -34.73
C ASP E 31 40.57 -2.99 -35.75
N TYR E 32 39.45 -2.28 -35.61
CA TYR E 32 39.03 -1.27 -36.57
C TYR E 32 39.08 0.11 -35.91
N THR E 33 39.36 1.13 -36.72
CA THR E 33 39.32 2.51 -36.26
C THR E 33 37.89 3.02 -36.41
N MET E 34 37.25 3.33 -35.29
CA MET E 34 35.86 3.74 -35.25
C MET E 34 35.75 5.25 -35.13
N GLY E 35 34.75 5.83 -35.80
CA GLY E 35 34.63 7.27 -35.87
C GLY E 35 33.19 7.74 -35.85
N TRP E 36 33.04 9.03 -35.60
CA TRP E 36 31.75 9.71 -35.63
C TRP E 36 31.77 10.81 -36.69
N PHE E 37 30.72 10.85 -37.51
CA PHE E 37 30.52 11.87 -38.51
C PHE E 37 29.22 12.62 -38.21
N ARG E 38 29.05 13.79 -38.83
CA ARG E 38 27.79 14.50 -38.72
C ARG E 38 27.52 15.25 -40.02
N GLN E 39 26.22 15.45 -40.30
CA GLN E 39 25.78 16.09 -41.54
C GLN E 39 24.73 17.13 -41.22
N ALA E 40 25.09 18.41 -41.38
CA ALA E 40 24.16 19.51 -41.17
C ALA E 40 23.09 19.53 -42.26
N PRO E 41 21.93 20.13 -42.01
CA PRO E 41 20.91 20.26 -43.06
C PRO E 41 21.38 21.18 -44.19
N GLY E 42 21.46 20.62 -45.38
CA GLY E 42 21.90 21.36 -46.56
C GLY E 42 23.39 21.39 -46.79
N LYS E 43 24.19 20.91 -45.84
CA LYS E 43 25.64 20.91 -45.95
C LYS E 43 26.16 19.49 -46.17
N GLU E 44 27.44 19.40 -46.49
CA GLU E 44 28.09 18.11 -46.68
C GLU E 44 28.37 17.44 -45.35
N ARG E 45 28.68 16.15 -45.41
CA ARG E 45 28.97 15.36 -44.22
C ARG E 45 30.41 15.63 -43.79
N GLU E 46 30.59 16.05 -42.54
CA GLU E 46 31.91 16.33 -42.00
C GLU E 46 32.26 15.32 -40.91
N GLY E 47 33.56 15.26 -40.59
CA GLY E 47 34.04 14.37 -39.55
C GLY E 47 34.09 15.06 -38.21
N VAL E 48 33.75 14.33 -37.16
CA VAL E 48 33.70 14.84 -35.79
C VAL E 48 34.88 14.32 -34.98
N SER E 49 35.00 13.00 -34.85
CA SER E 49 35.97 12.39 -33.97
C SER E 49 36.15 10.93 -34.39
N TYR E 50 37.39 10.44 -34.29
CA TYR E 50 37.63 9.01 -34.44
C TYR E 50 38.65 8.56 -33.40
N THR E 51 38.72 7.25 -33.20
CA THR E 51 39.76 6.65 -32.37
C THR E 51 40.11 5.29 -32.94
N GLY E 52 41.35 4.89 -32.75
CA GLY E 52 41.82 3.61 -33.27
C GLY E 52 43.31 3.63 -33.51
N TRP E 53 43.77 2.67 -34.31
CA TRP E 53 45.19 2.34 -34.30
C TRP E 53 45.99 3.16 -35.31
N SER E 60 47.27 3.69 -29.84
CA SER E 60 45.97 4.30 -30.13
C SER E 60 46.06 5.80 -30.40
N THR E 61 45.33 6.26 -31.41
CA THR E 61 45.28 7.68 -31.76
C THR E 61 43.81 8.11 -31.80
N THR E 62 43.47 9.12 -31.00
CA THR E 62 42.14 9.70 -31.00
C THR E 62 42.19 11.09 -31.60
N TYR E 63 41.12 11.47 -32.30
CA TYR E 63 41.04 12.75 -33.00
C TYR E 63 39.78 13.48 -32.57
N TYR E 64 39.86 14.81 -32.56
CA TYR E 64 38.72 15.68 -32.30
C TYR E 64 38.83 16.92 -33.19
N THR E 65 37.72 17.30 -33.81
CA THR E 65 37.67 18.49 -34.64
C THR E 65 37.70 19.73 -33.74
N ASP E 66 38.09 20.88 -34.33
CA ASP E 66 38.20 22.14 -33.58
C ASP E 66 36.86 22.60 -33.02
N SER E 67 35.77 22.35 -33.75
CA SER E 67 34.46 22.81 -33.31
C SER E 67 33.92 22.01 -32.12
N VAL E 68 34.44 20.80 -31.90
CA VAL E 68 34.02 19.96 -30.78
C VAL E 68 35.15 19.78 -29.77
N LYS E 69 36.21 20.56 -29.87
CA LYS E 69 37.39 20.41 -29.01
C LYS E 69 37.06 20.83 -27.58
N GLY E 70 37.38 19.96 -26.63
CA GLY E 70 37.15 20.24 -25.23
C GLY E 70 35.73 20.04 -24.75
N ARG E 71 34.79 19.73 -25.65
CA ARG E 71 33.41 19.50 -25.30
C ARG E 71 32.94 18.08 -25.58
N PHE E 72 33.51 17.42 -26.57
CA PHE E 72 33.11 16.08 -26.97
C PHE E 72 34.15 15.08 -26.48
N THR E 73 33.71 13.84 -26.25
CA THR E 73 34.60 12.78 -25.79
C THR E 73 34.20 11.47 -26.43
N ILE E 74 35.11 10.86 -27.17
CA ILE E 74 34.89 9.56 -27.78
C ILE E 74 35.51 8.48 -26.89
N SER E 75 34.90 7.31 -26.90
CA SER E 75 35.40 6.15 -26.14
C SER E 75 34.82 4.89 -26.78
N ARG E 76 35.51 3.78 -26.54
CA ARG E 76 35.09 2.49 -27.09
C ARG E 76 35.14 1.43 -26.01
N ASP E 77 34.30 0.41 -26.18
CA ASP E 77 34.26 -0.75 -25.30
C ASP E 77 34.44 -1.98 -26.20
N ASN E 78 35.65 -2.54 -26.21
CA ASN E 78 35.95 -3.67 -27.09
C ASN E 78 35.28 -4.96 -26.64
N ALA E 79 34.86 -5.04 -25.37
CA ALA E 79 34.16 -6.23 -24.90
C ALA E 79 32.73 -6.26 -25.42
N LYS E 80 32.03 -5.12 -25.38
CA LYS E 80 30.65 -5.03 -25.81
C LYS E 80 30.49 -4.58 -27.25
N ASN E 81 31.61 -4.27 -27.93
CA ASN E 81 31.64 -3.79 -29.32
C ASN E 81 30.80 -2.54 -29.52
N THR E 82 30.99 -1.56 -28.62
CA THR E 82 30.17 -0.35 -28.61
C THR E 82 31.07 0.88 -28.64
N LEU E 83 30.67 1.88 -29.42
CA LEU E 83 31.35 3.16 -29.50
C LEU E 83 30.47 4.24 -28.87
N TYR E 84 31.10 5.14 -28.12
CA TYR E 84 30.38 6.18 -27.40
C TYR E 84 30.87 7.56 -27.80
N LEU E 85 29.97 8.54 -27.68
CA LEU E 85 30.30 9.94 -27.92
C LEU E 85 29.58 10.79 -26.87
N GLN E 86 30.31 11.24 -25.86
CA GLN E 86 29.77 12.09 -24.81
C GLN E 86 29.84 13.54 -25.27
N MET E 87 28.68 14.14 -25.53
CA MET E 87 28.58 15.50 -26.03
C MET E 87 28.12 16.41 -24.89
N ASN E 88 29.05 17.19 -24.35
CA ASN E 88 28.74 18.15 -23.30
C ASN E 88 28.81 19.57 -23.85
N SER E 89 28.07 20.47 -23.18
CA SER E 89 27.99 21.91 -23.52
C SER E 89 27.56 22.11 -24.97
N LEU E 90 26.38 21.60 -25.29
CA LEU E 90 25.91 21.57 -26.67
C LEU E 90 25.47 22.97 -27.12
N LYS E 91 25.95 23.37 -28.27
CA LYS E 91 25.72 24.58 -29.04
C LYS E 91 24.71 24.32 -30.15
N PRO E 92 23.97 25.34 -30.60
CA PRO E 92 23.04 25.13 -31.73
C PRO E 92 23.72 24.80 -33.05
N GLU E 93 25.01 25.12 -33.20
CA GLU E 93 25.75 24.72 -34.40
C GLU E 93 26.05 23.23 -34.46
N ASP E 94 25.89 22.50 -33.34
CA ASP E 94 26.09 21.06 -33.31
C ASP E 94 24.89 20.26 -33.80
N THR E 95 23.85 20.94 -34.30
CA THR E 95 22.63 20.28 -34.72
C THR E 95 22.85 19.60 -36.07
N ALA E 96 22.82 18.28 -36.09
CA ALA E 96 23.04 17.49 -37.29
C ALA E 96 22.52 16.07 -37.05
N MET E 97 22.57 15.26 -38.10
CA MET E 97 22.40 13.82 -37.96
C MET E 97 23.76 13.17 -37.84
N TYR E 98 23.97 12.44 -36.75
CA TYR E 98 25.29 11.92 -36.40
C TYR E 98 25.41 10.46 -36.83
N TYR E 99 26.47 10.16 -37.59
CA TYR E 99 26.70 8.83 -38.13
C TYR E 99 27.90 8.18 -37.44
N CYS E 100 27.84 6.86 -37.35
CA CYS E 100 28.90 6.05 -36.74
C CYS E 100 29.53 5.20 -37.85
N ALA E 101 30.81 5.46 -38.14
CA ALA E 101 31.50 4.85 -39.26
C ALA E 101 32.68 4.02 -38.78
N ALA E 102 33.18 3.17 -39.69
CA ALA E 102 34.26 2.23 -39.39
C ALA E 102 35.24 2.19 -40.54
N ALA E 103 36.53 2.14 -40.21
CA ALA E 103 37.60 2.03 -41.20
C ALA E 103 38.50 0.85 -40.84
N ARG E 104 39.31 0.40 -41.80
CA ARG E 104 39.88 -0.95 -41.68
C ARG E 104 41.08 -1.04 -40.74
N TYR E 105 42.25 -0.57 -41.15
CA TYR E 105 43.39 -0.60 -40.23
C TYR E 105 44.26 0.66 -40.28
N ARG E 106 44.53 1.15 -41.49
CA ARG E 106 45.53 2.20 -41.69
C ARG E 106 45.11 3.12 -42.83
N GLN E 111 48.71 7.97 -40.84
CA GLN E 111 47.54 8.63 -40.28
C GLN E 111 46.25 8.03 -40.86
N VAL E 112 45.15 8.75 -40.72
CA VAL E 112 43.82 8.27 -41.10
C VAL E 112 43.13 9.34 -41.94
N ARG E 113 42.67 8.96 -43.13
CA ARG E 113 41.95 9.81 -44.05
C ARG E 113 40.45 9.55 -43.93
N TRP E 114 39.65 10.58 -44.23
CA TRP E 114 38.19 10.50 -44.12
C TRP E 114 37.60 9.48 -45.09
N THR E 115 38.25 9.26 -46.23
CA THR E 115 37.74 8.32 -47.23
C THR E 115 37.97 6.87 -46.85
N ASP E 116 38.73 6.59 -45.79
CA ASP E 116 38.97 5.21 -45.37
C ASP E 116 37.76 4.58 -44.70
N PHE E 117 36.80 5.38 -44.25
CA PHE E 117 35.63 4.87 -43.56
C PHE E 117 34.65 4.29 -44.58
N ILE E 118 34.42 2.98 -44.50
CA ILE E 118 33.70 2.22 -45.51
C ILE E 118 32.34 1.77 -45.00
N TYR E 119 32.29 1.19 -43.80
CA TYR E 119 31.05 0.76 -43.20
C TYR E 119 30.40 1.91 -42.44
N TRP E 120 29.10 2.11 -42.66
CA TRP E 120 28.38 3.24 -42.07
C TRP E 120 27.10 2.74 -41.40
N GLY E 121 26.56 3.58 -40.52
CA GLY E 121 25.29 3.34 -39.89
C GLY E 121 24.21 4.26 -40.46
N GLN E 122 22.97 4.02 -40.01
CA GLN E 122 21.85 4.81 -40.51
C GLN E 122 21.81 6.21 -39.90
N GLY E 123 22.32 6.37 -38.69
CA GLY E 123 22.45 7.68 -38.07
C GLY E 123 21.42 7.89 -36.97
N THR E 124 21.62 8.99 -36.25
CA THR E 124 20.68 9.44 -35.24
C THR E 124 20.68 10.96 -35.21
N GLN E 125 19.52 11.55 -34.96
CA GLN E 125 19.37 12.99 -34.99
C GLN E 125 19.69 13.60 -33.64
N VAL E 126 20.48 14.68 -33.66
CA VAL E 126 20.76 15.49 -32.49
C VAL E 126 20.32 16.91 -32.81
N THR E 127 19.40 17.44 -32.02
CA THR E 127 18.86 18.79 -32.23
C THR E 127 19.10 19.62 -30.99
N VAL E 128 19.82 20.72 -31.15
CA VAL E 128 20.09 21.67 -30.08
C VAL E 128 19.38 22.97 -30.42
N SER E 129 18.28 23.25 -29.72
CA SER E 129 17.47 24.43 -29.98
C SER E 129 17.95 25.61 -29.11
N SER E 130 17.41 26.78 -29.41
CA SER E 130 17.77 28.00 -28.68
C SER E 130 17.12 28.03 -27.31
N ASP F 1 -15.04 -9.01 -11.31
CA ASP F 1 -15.33 -8.31 -10.06
C ASP F 1 -15.86 -6.92 -10.36
N VAL F 2 -15.52 -5.95 -9.50
CA VAL F 2 -15.85 -4.54 -9.71
C VAL F 2 -14.55 -3.74 -9.72
N GLN F 3 -14.17 -3.22 -10.89
CA GLN F 3 -12.95 -2.44 -11.06
C GLN F 3 -13.25 -1.14 -11.77
N LEU F 4 -12.55 -0.08 -11.38
CA LEU F 4 -12.63 1.23 -12.02
C LEU F 4 -11.21 1.72 -12.26
N VAL F 5 -10.80 1.78 -13.52
CA VAL F 5 -9.43 2.13 -13.88
C VAL F 5 -9.45 3.50 -14.57
N GLU F 6 -8.78 4.47 -13.97
CA GLU F 6 -8.70 5.81 -14.53
C GLU F 6 -7.49 5.95 -15.44
N SER F 7 -7.58 6.89 -16.38
CA SER F 7 -6.51 7.15 -17.33
C SER F 7 -6.66 8.58 -17.83
N GLY F 8 -5.65 9.03 -18.57
CA GLY F 8 -5.71 10.32 -19.23
C GLY F 8 -5.16 11.49 -18.43
N GLY F 9 -4.64 11.26 -17.23
CA GLY F 9 -4.08 12.32 -16.43
C GLY F 9 -2.66 12.65 -16.86
N GLY F 10 -2.08 13.63 -16.17
CA GLY F 10 -0.70 14.00 -16.44
C GLY F 10 -0.42 15.42 -15.97
N LEU F 11 0.56 16.04 -16.62
CA LEU F 11 1.05 17.36 -16.27
C LEU F 11 0.87 18.30 -17.45
N VAL F 12 0.45 19.54 -17.17
CA VAL F 12 0.17 20.52 -18.21
C VAL F 12 0.36 21.91 -17.62
N GLN F 13 0.63 22.88 -18.51
CA GLN F 13 0.73 24.27 -18.10
C GLN F 13 -0.66 24.85 -17.85
N ALA F 14 -0.69 26.09 -17.35
CA ALA F 14 -1.95 26.77 -17.12
C ALA F 14 -2.59 27.18 -18.44
N GLY F 15 -3.89 26.94 -18.56
CA GLY F 15 -4.60 27.16 -19.80
C GLY F 15 -4.69 25.95 -20.71
N GLY F 16 -3.90 24.91 -20.45
CA GLY F 16 -3.94 23.72 -21.26
C GLY F 16 -5.17 22.87 -20.98
N SER F 17 -5.21 21.71 -21.65
CA SER F 17 -6.39 20.86 -21.58
C SER F 17 -5.98 19.40 -21.42
N LEU F 18 -6.84 18.65 -20.73
CA LEU F 18 -6.68 17.21 -20.55
C LEU F 18 -8.04 16.54 -20.73
N ARG F 19 -8.02 15.22 -20.88
CA ARG F 19 -9.25 14.44 -20.99
C ARG F 19 -9.06 13.12 -20.25
N LEU F 20 -9.81 12.93 -19.17
CA LEU F 20 -9.74 11.72 -18.37
C LEU F 20 -10.71 10.67 -18.90
N SER F 21 -10.35 9.41 -18.71
CA SER F 21 -11.21 8.29 -19.07
C SER F 21 -11.27 7.32 -17.90
N CYS F 22 -12.36 6.56 -17.84
CA CYS F 22 -12.58 5.63 -16.74
C CYS F 22 -13.38 4.44 -17.27
N THR F 23 -12.70 3.35 -17.60
CA THR F 23 -13.37 2.12 -17.99
C THR F 23 -13.84 1.36 -16.76
N ALA F 24 -14.97 0.64 -16.93
CA ALA F 24 -15.64 -0.02 -15.82
C ALA F 24 -15.73 -1.52 -16.08
N SER F 25 -15.42 -2.30 -15.05
CA SER F 25 -15.52 -3.75 -15.08
C SER F 25 -16.94 -4.16 -14.66
N GLY F 26 -17.13 -5.44 -14.34
CA GLY F 26 -18.47 -6.02 -14.23
C GLY F 26 -19.39 -5.44 -13.17
N PHE F 27 -20.37 -4.68 -13.67
CA PHE F 27 -21.62 -4.19 -13.09
C PHE F 27 -22.28 -3.43 -14.22
N THR F 28 -23.59 -3.26 -14.14
CA THR F 28 -24.33 -2.58 -15.20
C THR F 28 -24.00 -1.09 -15.16
N PHE F 29 -23.09 -0.68 -16.05
CA PHE F 29 -22.65 0.72 -16.12
C PHE F 29 -23.79 1.67 -16.45
N ASP F 30 -24.67 1.29 -17.37
CA ASP F 30 -25.68 2.20 -17.88
C ASP F 30 -26.84 2.43 -16.89
N ASP F 31 -26.89 1.69 -15.78
CA ASP F 31 -27.91 1.89 -14.77
C ASP F 31 -27.39 2.57 -13.52
N TYR F 32 -26.13 3.00 -13.52
CA TYR F 32 -25.51 3.61 -12.35
C TYR F 32 -25.20 5.08 -12.63
N THR F 33 -25.25 5.90 -11.58
CA THR F 33 -24.86 7.30 -11.69
C THR F 33 -23.36 7.40 -11.47
N MET F 34 -22.63 7.82 -12.49
CA MET F 34 -21.18 7.88 -12.47
C MET F 34 -20.72 9.30 -12.22
N GLY F 35 -19.62 9.43 -11.46
CA GLY F 35 -19.16 10.74 -11.04
C GLY F 35 -17.65 10.84 -11.00
N TRP F 36 -17.18 12.08 -10.91
CA TRP F 36 -15.77 12.40 -10.77
C TRP F 36 -15.54 13.15 -9.47
N PHE F 37 -14.54 12.74 -8.71
CA PHE F 37 -14.12 13.40 -7.48
C PHE F 37 -12.67 13.87 -7.64
N ARG F 38 -12.25 14.77 -6.76
CA ARG F 38 -10.84 15.16 -6.73
C ARG F 38 -10.43 15.46 -5.30
N GLN F 39 -9.14 15.28 -5.01
CA GLN F 39 -8.60 15.46 -3.67
C GLN F 39 -7.30 16.27 -3.77
N ALA F 40 -7.35 17.50 -3.28
CA ALA F 40 -6.19 18.37 -3.23
C ALA F 40 -5.17 17.85 -2.22
N PRO F 41 -3.89 18.21 -2.36
CA PRO F 41 -2.89 17.82 -1.34
C PRO F 41 -3.15 18.50 -0.01
N GLY F 42 -3.41 17.70 1.02
CA GLY F 42 -3.67 18.19 2.35
C GLY F 42 -5.12 18.51 2.64
N LYS F 43 -5.98 18.50 1.63
CA LYS F 43 -7.40 18.82 1.80
C LYS F 43 -8.25 17.56 1.66
N GLU F 44 -9.53 17.71 2.00
CA GLU F 44 -10.47 16.61 1.89
C GLU F 44 -10.87 16.37 0.44
N ARG F 45 -11.48 15.22 0.19
CA ARG F 45 -11.92 14.86 -1.14
C ARG F 45 -13.25 15.56 -1.44
N GLU F 46 -13.29 16.31 -2.54
CA GLU F 46 -14.49 17.04 -2.94
C GLU F 46 -15.05 16.45 -4.23
N GLY F 47 -16.30 16.77 -4.52
CA GLY F 47 -16.96 16.32 -5.72
C GLY F 47 -16.82 17.33 -6.85
N VAL F 48 -16.63 16.81 -8.06
CA VAL F 48 -16.43 17.63 -9.25
C VAL F 48 -17.67 17.63 -10.13
N SER F 49 -18.11 16.46 -10.57
CA SER F 49 -19.18 16.34 -11.54
C SER F 49 -19.71 14.92 -11.50
N TYR F 50 -21.03 14.77 -11.67
CA TYR F 50 -21.62 13.46 -11.87
C TYR F 50 -22.68 13.54 -12.96
N THR F 51 -23.06 12.38 -13.48
CA THR F 51 -24.19 12.28 -14.39
C THR F 51 -24.87 10.93 -14.17
N GLY F 52 -26.18 10.90 -14.40
CA GLY F 52 -26.95 9.69 -14.20
C GLY F 52 -28.40 10.00 -13.91
N TRP F 53 -28.88 9.19 -12.97
CA TRP F 53 -30.17 8.50 -12.88
C TRP F 53 -29.82 7.02 -13.02
N SER F 58 -37.48 11.41 -14.39
CA SER F 58 -37.66 10.40 -15.43
C SER F 58 -36.39 10.22 -16.25
N GLY F 59 -35.62 11.29 -16.41
CA GLY F 59 -34.46 11.27 -17.28
C GLY F 59 -33.13 11.51 -16.58
N SER F 60 -32.16 12.00 -17.34
CA SER F 60 -30.78 12.14 -16.88
C SER F 60 -30.55 13.48 -16.21
N THR F 61 -29.67 13.48 -15.21
CA THR F 61 -29.28 14.71 -14.52
C THR F 61 -27.77 14.75 -14.43
N THR F 62 -27.17 15.81 -14.96
CA THR F 62 -25.73 16.04 -14.85
C THR F 62 -25.46 17.20 -13.92
N TYR F 63 -24.35 17.12 -13.20
CA TYR F 63 -23.98 18.12 -12.20
C TYR F 63 -22.57 18.63 -12.48
N TYR F 64 -22.34 19.90 -12.15
CA TYR F 64 -21.01 20.49 -12.22
C TYR F 64 -20.84 21.46 -11.05
N THR F 65 -19.69 21.39 -10.40
CA THR F 65 -19.37 22.30 -9.29
C THR F 65 -19.08 23.70 -9.86
N ASP F 66 -19.19 24.72 -8.99
CA ASP F 66 -18.97 26.10 -9.38
C ASP F 66 -17.55 26.36 -9.87
N SER F 67 -16.57 25.69 -9.26
CA SER F 67 -15.18 25.91 -9.63
C SER F 67 -14.82 25.33 -10.98
N VAL F 68 -15.61 24.39 -11.49
CA VAL F 68 -15.39 23.77 -12.80
C VAL F 68 -16.49 24.13 -13.78
N LYS F 69 -17.35 25.09 -13.44
CA LYS F 69 -18.49 25.45 -14.27
C LYS F 69 -18.04 26.13 -15.56
N GLY F 70 -18.53 25.63 -16.69
CA GLY F 70 -18.21 26.19 -17.98
C GLY F 70 -16.87 25.77 -18.55
N ARG F 71 -16.06 25.04 -17.80
CA ARG F 71 -14.76 24.58 -18.25
C ARG F 71 -14.66 23.07 -18.35
N PHE F 72 -15.40 22.33 -17.52
CA PHE F 72 -15.34 20.88 -17.50
C PHE F 72 -16.57 20.31 -18.18
N THR F 73 -16.44 19.10 -18.73
CA THR F 73 -17.55 18.45 -19.41
C THR F 73 -17.49 16.95 -19.13
N ILE F 74 -18.55 16.42 -18.53
CA ILE F 74 -18.66 14.99 -18.28
C ILE F 74 -19.50 14.36 -19.39
N SER F 75 -19.19 13.10 -19.70
CA SER F 75 -19.92 12.33 -20.70
C SER F 75 -19.69 10.86 -20.43
N ARG F 76 -20.62 10.03 -20.91
CA ARG F 76 -20.54 8.59 -20.72
C ARG F 76 -20.82 7.88 -22.02
N ASP F 77 -20.25 6.67 -22.15
CA ASP F 77 -20.48 5.79 -23.29
C ASP F 77 -20.97 4.46 -22.72
N ASN F 78 -22.28 4.22 -22.81
CA ASN F 78 -22.86 3.03 -22.23
C ASN F 78 -22.50 1.76 -23.01
N ALA F 79 -22.09 1.90 -24.28
CA ALA F 79 -21.68 0.74 -25.06
C ALA F 79 -20.31 0.24 -24.63
N LYS F 80 -19.36 1.16 -24.40
CA LYS F 80 -18.00 0.79 -24.02
C LYS F 80 -17.78 0.82 -22.51
N ASN F 81 -18.81 1.20 -21.73
CA ASN F 81 -18.77 1.31 -20.27
C ASN F 81 -17.64 2.23 -19.80
N THR F 82 -17.57 3.42 -20.41
CA THR F 82 -16.49 4.36 -20.16
C THR F 82 -17.07 5.72 -19.77
N LEU F 83 -16.45 6.36 -18.79
CA LEU F 83 -16.81 7.71 -18.37
C LEU F 83 -15.68 8.67 -18.74
N TYR F 84 -16.06 9.86 -19.20
CA TYR F 84 -15.08 10.84 -19.68
C TYR F 84 -15.24 12.15 -18.91
N LEU F 85 -14.12 12.88 -18.82
CA LEU F 85 -14.11 14.22 -18.22
C LEU F 85 -13.18 15.09 -19.06
N GLN F 86 -13.76 15.95 -19.88
CA GLN F 86 -13.00 16.88 -20.71
C GLN F 86 -12.74 18.15 -19.90
N MET F 87 -11.47 18.37 -19.55
CA MET F 87 -11.06 19.50 -18.72
C MET F 87 -10.37 20.51 -19.61
N ASN F 88 -11.06 21.62 -19.90
CA ASN F 88 -10.51 22.70 -20.70
C ASN F 88 -10.25 23.91 -19.81
N SER F 89 -9.29 24.75 -20.24
CA SER F 89 -8.88 25.99 -19.57
C SER F 89 -8.45 25.72 -18.12
N LEU F 90 -7.43 24.86 -17.99
CA LEU F 90 -7.02 24.39 -16.68
C LEU F 90 -6.27 25.47 -15.92
N LYS F 91 -6.67 25.67 -14.67
CA LYS F 91 -6.17 26.56 -13.64
C LYS F 91 -5.28 25.79 -12.67
N PRO F 92 -4.33 26.46 -12.00
CA PRO F 92 -3.50 25.76 -11.00
C PRO F 92 -4.28 25.28 -9.78
N GLU F 93 -5.46 25.83 -9.50
CA GLU F 93 -6.29 25.34 -8.41
C GLU F 93 -6.96 24.00 -8.73
N ASP F 94 -6.94 23.56 -9.99
CA ASP F 94 -7.49 22.27 -10.38
C ASP F 94 -6.53 21.11 -10.14
N THR F 95 -5.37 21.37 -9.54
CA THR F 95 -4.35 20.35 -9.34
C THR F 95 -4.75 19.43 -8.19
N ALA F 96 -5.05 18.17 -8.51
CA ALA F 96 -5.49 17.18 -7.54
C ALA F 96 -5.31 15.80 -8.14
N MET F 97 -5.59 14.77 -7.33
CA MET F 97 -5.76 13.42 -7.84
C MET F 97 -7.25 13.20 -8.08
N TYR F 98 -7.60 12.80 -9.30
CA TYR F 98 -8.99 12.73 -9.73
C TYR F 98 -9.47 11.28 -9.66
N TYR F 99 -10.58 11.06 -8.96
CA TYR F 99 -11.14 9.74 -8.76
C TYR F 99 -12.45 9.59 -9.55
N CYS F 100 -12.72 8.35 -9.97
CA CYS F 100 -13.91 7.99 -10.72
C CYS F 100 -14.76 7.08 -9.84
N ALA F 101 -15.94 7.55 -9.46
CA ALA F 101 -16.79 6.86 -8.49
C ALA F 101 -18.12 6.48 -9.11
N ALA F 102 -18.84 5.58 -8.43
CA ALA F 102 -20.10 5.04 -8.92
C ALA F 102 -21.09 4.94 -7.78
N ALA F 103 -22.35 5.29 -8.06
CA ALA F 103 -23.44 5.19 -7.09
C ALA F 103 -24.58 4.39 -7.70
N ARG F 104 -25.50 3.93 -6.85
CA ARG F 104 -26.74 3.36 -7.35
C ARG F 104 -27.94 3.87 -6.55
N GLN F 111 -33.00 12.22 -4.55
CA GLN F 111 -31.83 12.97 -4.99
C GLN F 111 -30.54 12.33 -4.49
N VAL F 112 -29.58 12.15 -5.41
CA VAL F 112 -28.30 11.55 -5.06
C VAL F 112 -27.42 12.58 -4.35
N ARG F 113 -26.68 12.12 -3.35
CA ARG F 113 -25.79 12.96 -2.57
C ARG F 113 -24.37 12.38 -2.70
N TRP F 114 -23.43 12.93 -1.94
CA TRP F 114 -22.04 12.52 -2.12
C TRP F 114 -21.73 11.19 -1.46
N THR F 115 -22.44 10.85 -0.38
CA THR F 115 -22.21 9.60 0.32
C THR F 115 -22.77 8.38 -0.40
N ASP F 116 -23.54 8.57 -1.47
CA ASP F 116 -24.10 7.45 -2.21
C ASP F 116 -23.06 6.74 -3.07
N PHE F 117 -21.93 7.38 -3.34
CA PHE F 117 -20.88 6.78 -4.17
C PHE F 117 -20.12 5.75 -3.36
N ILE F 118 -20.20 4.49 -3.79
CA ILE F 118 -19.71 3.35 -3.03
C ILE F 118 -18.48 2.72 -3.68
N TYR F 119 -18.55 2.48 -4.99
CA TYR F 119 -17.43 1.91 -5.73
C TYR F 119 -16.51 3.04 -6.20
N TRP F 120 -15.21 2.87 -5.98
CA TRP F 120 -14.22 3.89 -6.30
C TRP F 120 -13.08 3.29 -7.11
N GLY F 121 -12.33 4.17 -7.78
CA GLY F 121 -11.13 3.80 -8.49
C GLY F 121 -9.88 4.26 -7.75
N GLN F 122 -8.73 3.85 -8.30
CA GLN F 122 -7.47 4.20 -7.65
C GLN F 122 -7.08 5.65 -7.89
N GLY F 123 -7.50 6.24 -9.01
CA GLY F 123 -7.29 7.64 -9.27
C GLY F 123 -6.22 7.88 -10.32
N THR F 124 -6.13 9.14 -10.74
CA THR F 124 -5.09 9.59 -11.65
C THR F 124 -4.71 11.03 -11.29
N GLN F 125 -3.44 11.37 -11.42
CA GLN F 125 -2.98 12.68 -10.99
C GLN F 125 -3.03 13.67 -12.14
N VAL F 126 -3.58 14.85 -11.86
CA VAL F 126 -3.63 15.98 -12.78
C VAL F 126 -2.88 17.12 -12.11
N THR F 127 -1.83 17.60 -12.79
CA THR F 127 -0.99 18.67 -12.26
C THR F 127 -0.98 19.83 -13.25
N VAL F 128 -1.42 21.00 -12.79
CA VAL F 128 -1.43 22.22 -13.57
C VAL F 128 -0.44 23.18 -12.95
N SER F 129 0.71 23.36 -13.59
CA SER F 129 1.77 24.22 -13.07
C SER F 129 1.61 25.63 -13.60
N SER F 130 2.41 26.54 -13.04
CA SER F 130 2.37 27.95 -13.41
C SER F 130 3.05 28.17 -14.76
N VAL G 2 10.46 -23.82 -4.17
CA VAL G 2 9.32 -23.06 -3.65
C VAL G 2 8.13 -23.99 -3.45
N GLN G 3 7.79 -24.26 -2.19
CA GLN G 3 6.69 -25.15 -1.86
C GLN G 3 5.75 -24.46 -0.87
N LEU G 4 4.45 -24.74 -1.01
CA LEU G 4 3.42 -24.26 -0.09
C LEU G 4 2.53 -25.44 0.25
N VAL G 5 2.60 -25.91 1.50
CA VAL G 5 1.88 -27.09 1.95
C VAL G 5 0.79 -26.65 2.92
N GLU G 6 -0.46 -26.92 2.56
CA GLU G 6 -1.61 -26.57 3.39
C GLU G 6 -1.96 -27.73 4.32
N SER G 7 -2.58 -27.38 5.45
CA SER G 7 -3.00 -28.37 6.45
C SER G 7 -4.15 -27.77 7.25
N GLY G 8 -4.75 -28.61 8.08
CA GLY G 8 -5.77 -28.18 9.01
C GLY G 8 -7.19 -28.24 8.50
N GLY G 9 -7.42 -28.72 7.27
CA GLY G 9 -8.75 -28.84 6.74
C GLY G 9 -9.47 -30.08 7.24
N GLY G 10 -10.69 -30.24 6.77
CA GLY G 10 -11.46 -31.42 7.15
C GLY G 10 -12.96 -31.19 7.00
N LEU G 11 -13.72 -31.93 7.78
CA LEU G 11 -15.17 -31.92 7.73
C LEU G 11 -15.73 -31.52 9.09
N VAL G 12 -16.76 -30.67 9.09
CA VAL G 12 -17.34 -30.15 10.32
C VAL G 12 -18.81 -29.82 10.05
N GLN G 13 -19.60 -29.79 11.13
CA GLN G 13 -20.98 -29.39 11.06
C GLN G 13 -21.09 -27.88 10.95
N ALA G 14 -22.31 -27.40 10.71
CA ALA G 14 -22.55 -25.97 10.61
C ALA G 14 -22.43 -25.32 11.99
N GLY G 15 -21.73 -24.19 12.05
CA GLY G 15 -21.43 -23.54 13.31
C GLY G 15 -20.10 -23.93 13.91
N GLY G 16 -19.48 -24.99 13.45
CA GLY G 16 -18.20 -25.43 13.96
C GLY G 16 -17.06 -24.54 13.50
N SER G 17 -15.85 -24.94 13.90
CA SER G 17 -14.67 -24.12 13.62
C SER G 17 -13.51 -24.98 13.15
N LEU G 18 -12.68 -24.40 12.30
CA LEU G 18 -11.45 -25.02 11.81
C LEU G 18 -10.34 -23.98 11.83
N ARG G 19 -9.10 -24.45 11.68
CA ARG G 19 -7.94 -23.58 11.60
C ARG G 19 -6.96 -24.15 10.59
N LEU G 20 -6.76 -23.43 9.49
CA LEU G 20 -5.84 -23.87 8.45
C LEU G 20 -4.43 -23.34 8.72
N SER G 21 -3.44 -24.09 8.27
CA SER G 21 -2.05 -23.69 8.35
C SER G 21 -1.39 -23.88 6.99
N CYS G 22 -0.32 -23.11 6.76
CA CYS G 22 0.38 -23.15 5.48
C CYS G 22 1.85 -22.84 5.73
N THR G 23 2.68 -23.88 5.80
CA THR G 23 4.11 -23.70 5.92
C THR G 23 4.72 -23.41 4.55
N ALA G 24 5.79 -22.62 4.54
CA ALA G 24 6.40 -22.14 3.32
C ALA G 24 7.86 -22.57 3.23
N SER G 25 8.25 -23.06 2.06
CA SER G 25 9.62 -23.46 1.77
C SER G 25 10.39 -22.24 1.26
N GLY G 26 11.56 -22.47 0.65
CA GLY G 26 12.53 -21.41 0.40
C GLY G 26 12.10 -20.27 -0.50
N PHE G 27 12.86 -19.24 -0.13
CA PHE G 27 12.68 -18.43 1.06
C PHE G 27 12.13 -17.07 0.71
N THR G 28 11.01 -16.74 1.32
CA THR G 28 10.34 -15.50 0.98
C THR G 28 9.94 -14.70 2.22
N PHE G 29 9.62 -15.38 3.33
CA PHE G 29 8.22 -15.33 3.71
C PHE G 29 7.81 -13.96 4.24
N ASP G 30 8.67 -13.33 5.04
CA ASP G 30 8.29 -12.09 5.73
C ASP G 30 8.27 -10.87 4.81
N ASP G 31 8.73 -11.00 3.57
CA ASP G 31 8.69 -9.90 2.61
C ASP G 31 7.62 -10.07 1.54
N TYR G 32 6.79 -11.11 1.65
CA TYR G 32 5.77 -11.41 0.65
C TYR G 32 4.39 -11.21 1.25
N THR G 33 3.43 -10.81 0.42
CA THR G 33 2.04 -10.71 0.83
C THR G 33 1.38 -12.07 0.66
N MET G 34 0.96 -12.68 1.76
CA MET G 34 0.40 -14.02 1.76
C MET G 34 -1.12 -13.96 1.83
N GLY G 35 -1.77 -14.89 1.13
CA GLY G 35 -3.22 -14.85 1.01
C GLY G 35 -3.84 -16.23 1.00
N TRP G 36 -5.16 -16.24 1.20
CA TRP G 36 -5.97 -17.45 1.14
C TRP G 36 -7.01 -17.30 0.04
N PHE G 37 -7.14 -18.34 -0.79
CA PHE G 37 -8.15 -18.42 -1.83
C PHE G 37 -9.03 -19.62 -1.57
N ARG G 38 -10.20 -19.67 -2.22
CA ARG G 38 -11.05 -20.84 -2.16
C ARG G 38 -11.77 -21.02 -3.48
N GLN G 39 -12.11 -22.28 -3.79
CA GLN G 39 -12.74 -22.64 -5.05
C GLN G 39 -13.90 -23.59 -4.76
N ALA G 40 -15.12 -23.09 -4.97
CA ALA G 40 -16.33 -23.89 -4.81
C ALA G 40 -16.41 -24.94 -5.91
N PRO G 41 -17.17 -26.03 -5.69
CA PRO G 41 -17.37 -27.03 -6.75
C PRO G 41 -18.19 -26.46 -7.90
N GLY G 42 -17.58 -26.42 -9.09
CA GLY G 42 -18.23 -25.91 -10.28
C GLY G 42 -18.07 -24.42 -10.49
N LYS G 43 -17.54 -23.69 -9.53
CA LYS G 43 -17.38 -22.24 -9.63
C LYS G 43 -15.91 -21.88 -9.79
N GLU G 44 -15.67 -20.60 -10.09
CA GLU G 44 -14.32 -20.11 -10.24
C GLU G 44 -13.66 -19.91 -8.88
N ARG G 45 -12.35 -19.75 -8.89
CA ARG G 45 -11.58 -19.55 -7.66
C ARG G 45 -11.70 -18.09 -7.24
N GLU G 46 -12.14 -17.86 -6.00
CA GLU G 46 -12.29 -16.53 -5.45
C GLU G 46 -11.29 -16.29 -4.33
N GLY G 47 -11.10 -15.02 -4.00
CA GLY G 47 -10.20 -14.64 -2.92
C GLY G 47 -10.94 -14.52 -1.60
N VAL G 48 -10.28 -14.95 -0.54
CA VAL G 48 -10.84 -14.93 0.81
C VAL G 48 -10.23 -13.83 1.65
N SER G 49 -8.91 -13.85 1.82
CA SER G 49 -8.22 -12.97 2.74
C SER G 49 -6.74 -12.94 2.38
N TYR G 50 -6.12 -11.78 2.50
CA TYR G 50 -4.67 -11.68 2.41
C TYR G 50 -4.16 -10.71 3.47
N THR G 51 -2.85 -10.79 3.72
CA THR G 51 -2.17 -9.83 4.58
C THR G 51 -0.75 -9.64 4.06
N GLY G 52 -0.23 -8.43 4.26
CA GLY G 52 1.11 -8.12 3.79
C GLY G 52 1.26 -6.62 3.57
N TRP G 53 2.32 -6.28 2.85
CA TRP G 53 2.77 -4.89 2.90
C TRP G 53 1.87 -3.99 2.07
N SER G 54 1.93 -2.70 2.36
CA SER G 54 1.15 -1.67 1.67
C SER G 54 2.08 -0.75 0.90
N GLY G 55 1.49 0.28 0.29
CA GLY G 55 2.26 1.33 -0.35
C GLY G 55 2.08 2.64 0.37
N SER G 56 3.15 3.21 0.95
CA SER G 56 4.50 2.67 0.94
C SER G 56 4.72 1.69 2.10
N MET G 57 6.00 1.41 2.41
CA MET G 57 6.47 0.46 3.44
C MET G 57 6.10 0.88 4.90
N SER G 58 5.27 1.90 5.12
CA SER G 58 4.89 2.37 6.44
C SER G 58 4.05 1.37 7.23
N GLY G 59 3.42 0.40 6.58
CA GLY G 59 2.62 -0.51 7.39
C GLY G 59 2.11 -1.72 6.62
N SER G 60 1.40 -2.57 7.37
CA SER G 60 0.78 -3.79 6.87
C SER G 60 -0.68 -3.54 6.53
N THR G 61 -1.21 -4.34 5.60
CA THR G 61 -2.61 -4.24 5.20
C THR G 61 -3.19 -5.65 5.13
N THR G 62 -4.26 -5.88 5.89
CA THR G 62 -4.98 -7.15 5.85
C THR G 62 -6.34 -6.94 5.20
N TYR G 63 -6.81 -7.96 4.48
CA TYR G 63 -8.05 -7.89 3.74
C TYR G 63 -8.94 -9.07 4.14
N TYR G 64 -10.26 -8.84 4.09
CA TYR G 64 -11.25 -9.88 4.31
C TYR G 64 -12.43 -9.62 3.39
N THR G 65 -12.92 -10.68 2.74
CA THR G 65 -14.08 -10.61 1.86
C THR G 65 -15.34 -10.43 2.72
N ASP G 66 -16.41 -9.93 2.10
CA ASP G 66 -17.68 -9.68 2.81
C ASP G 66 -18.30 -10.97 3.34
N SER G 67 -18.15 -12.08 2.61
CA SER G 67 -18.77 -13.33 3.03
C SER G 67 -18.07 -13.96 4.22
N VAL G 68 -16.82 -13.57 4.51
CA VAL G 68 -16.07 -14.08 5.64
C VAL G 68 -15.80 -12.99 6.67
N LYS G 69 -16.47 -11.84 6.55
CA LYS G 69 -16.22 -10.70 7.42
C LYS G 69 -16.72 -10.98 8.83
N GLY G 70 -15.86 -10.77 9.82
CA GLY G 70 -16.21 -10.98 11.21
C GLY G 70 -16.18 -12.41 11.68
N ARG G 71 -15.94 -13.36 10.78
CA ARG G 71 -15.88 -14.78 11.14
C ARG G 71 -14.51 -15.39 10.90
N PHE G 72 -13.75 -14.88 9.93
CA PHE G 72 -12.46 -15.44 9.58
C PHE G 72 -11.36 -14.52 10.11
N THR G 73 -10.19 -15.08 10.38
CA THR G 73 -9.06 -14.32 10.89
C THR G 73 -7.78 -14.86 10.29
N ILE G 74 -7.04 -14.01 9.58
CA ILE G 74 -5.75 -14.38 9.01
C ILE G 74 -4.66 -13.88 9.95
N SER G 75 -3.54 -14.61 9.97
CA SER G 75 -2.38 -14.26 10.77
C SER G 75 -1.17 -14.96 10.18
N ARG G 76 0.01 -14.40 10.46
CA ARG G 76 1.26 -14.95 9.96
C ARG G 76 2.29 -15.02 11.07
N ASP G 77 3.21 -15.97 10.93
CA ASP G 77 4.34 -16.14 11.85
C ASP G 77 5.60 -16.09 10.99
N ASN G 78 6.29 -14.95 11.02
CA ASN G 78 7.48 -14.77 10.18
C ASN G 78 8.67 -15.59 10.68
N ALA G 79 8.66 -16.01 11.94
CA ALA G 79 9.75 -16.85 12.44
C ALA G 79 9.64 -18.27 11.92
N LYS G 80 8.43 -18.83 11.91
CA LYS G 80 8.20 -20.20 11.47
C LYS G 80 7.79 -20.30 10.01
N ASN G 81 7.63 -19.16 9.32
CA ASN G 81 7.20 -19.05 7.91
C ASN G 81 5.87 -19.77 7.67
N THR G 82 4.89 -19.47 8.53
CA THR G 82 3.60 -20.15 8.49
C THR G 82 2.48 -19.12 8.42
N LEU G 83 1.47 -19.41 7.61
CA LEU G 83 0.28 -18.59 7.50
C LEU G 83 -0.90 -19.34 8.08
N TYR G 84 -1.77 -18.62 8.80
CA TYR G 84 -2.91 -19.23 9.48
C TYR G 84 -4.21 -18.60 9.03
N LEU G 85 -5.29 -19.37 9.12
CA LEU G 85 -6.64 -18.90 8.81
C LEU G 85 -7.59 -19.53 9.83
N GLN G 86 -7.99 -18.75 10.83
CA GLN G 86 -8.93 -19.20 11.85
C GLN G 86 -10.35 -18.98 11.34
N MET G 87 -11.07 -20.06 11.04
CA MET G 87 -12.41 -20.01 10.50
C MET G 87 -13.40 -20.36 11.60
N ASN G 88 -14.10 -19.37 12.12
CA ASN G 88 -15.12 -19.58 13.14
C ASN G 88 -16.50 -19.34 12.54
N SER G 89 -17.51 -19.98 13.17
CA SER G 89 -18.92 -19.91 12.78
C SER G 89 -19.13 -20.30 11.31
N LEU G 90 -18.73 -21.54 11.01
CA LEU G 90 -18.71 -21.99 9.63
C LEU G 90 -20.12 -22.27 9.12
N LYS G 91 -20.43 -21.74 7.96
CA LYS G 91 -21.64 -21.84 7.15
C LYS G 91 -21.45 -22.87 6.04
N PRO G 92 -22.52 -23.49 5.54
CA PRO G 92 -22.38 -24.43 4.41
C PRO G 92 -21.93 -23.79 3.11
N GLU G 93 -22.09 -22.47 2.96
CA GLU G 93 -21.57 -21.78 1.78
C GLU G 93 -20.06 -21.63 1.79
N ASP G 94 -19.40 -21.89 2.92
CA ASP G 94 -17.94 -21.83 3.01
C ASP G 94 -17.26 -23.11 2.53
N THR G 95 -18.03 -24.07 2.00
CA THR G 95 -17.49 -25.36 1.60
C THR G 95 -16.76 -25.20 0.26
N ALA G 96 -15.43 -25.38 0.30
CA ALA G 96 -14.58 -25.23 -0.87
C ALA G 96 -13.25 -25.91 -0.59
N MET G 97 -12.40 -25.97 -1.61
CA MET G 97 -10.99 -26.27 -1.40
C MET G 97 -10.23 -24.97 -1.23
N TYR G 98 -9.49 -24.87 -0.14
CA TYR G 98 -8.83 -23.62 0.24
C TYR G 98 -7.36 -23.66 -0.15
N TYR G 99 -6.93 -22.64 -0.88
CA TYR G 99 -5.56 -22.54 -1.37
C TYR G 99 -4.81 -21.44 -0.65
N CYS G 100 -3.49 -21.63 -0.51
CA CYS G 100 -2.60 -20.67 0.12
C CYS G 100 -1.65 -20.13 -0.94
N ALA G 101 -1.75 -18.83 -1.22
CA ALA G 101 -1.03 -18.21 -2.32
C ALA G 101 -0.09 -17.13 -1.80
N ALA G 102 0.84 -16.72 -2.67
CA ALA G 102 1.87 -15.76 -2.33
C ALA G 102 2.07 -14.77 -3.48
N ALA G 103 2.24 -13.49 -3.13
CA ALA G 103 2.51 -12.44 -4.11
C ALA G 103 3.76 -11.68 -3.70
N ARG G 104 4.30 -10.96 -4.68
CA ARG G 104 5.43 -10.04 -4.57
C ARG G 104 6.69 -10.73 -4.06
N TRP G 114 -5.67 -9.46 -7.42
CA TRP G 114 -5.73 -10.91 -7.32
C TRP G 114 -4.75 -11.62 -8.25
N THR G 115 -4.42 -10.98 -9.39
CA THR G 115 -3.52 -11.58 -10.35
C THR G 115 -2.06 -11.52 -9.93
N ASP G 116 -1.74 -10.81 -8.84
CA ASP G 116 -0.36 -10.71 -8.37
C ASP G 116 0.11 -11.99 -7.69
N PHE G 117 -0.81 -12.86 -7.28
CA PHE G 117 -0.45 -14.08 -6.59
C PHE G 117 0.06 -15.10 -7.60
N ILE G 118 1.33 -15.48 -7.46
CA ILE G 118 2.04 -16.28 -8.45
C ILE G 118 2.33 -17.68 -7.94
N TYR G 119 2.85 -17.80 -6.72
CA TYR G 119 3.12 -19.09 -6.11
C TYR G 119 1.88 -19.61 -5.40
N TRP G 120 1.54 -20.87 -5.64
CA TRP G 120 0.34 -21.47 -5.10
C TRP G 120 0.65 -22.80 -4.43
N GLY G 121 -0.27 -23.25 -3.58
CA GLY G 121 -0.20 -24.55 -2.95
C GLY G 121 -1.21 -25.52 -3.56
N GLN G 122 -1.13 -26.77 -3.11
CA GLN G 122 -2.00 -27.80 -3.65
C GLN G 122 -3.42 -27.69 -3.10
N GLY G 123 -3.57 -27.18 -1.88
CA GLY G 123 -4.87 -26.91 -1.31
C GLY G 123 -5.24 -27.90 -0.23
N THR G 124 -6.33 -27.59 0.45
CA THR G 124 -6.92 -28.48 1.45
C THR G 124 -8.44 -28.32 1.42
N GLN G 125 -9.15 -29.40 1.65
CA GLN G 125 -10.60 -29.40 1.54
C GLN G 125 -11.25 -29.03 2.87
N VAL G 126 -12.20 -28.12 2.83
CA VAL G 126 -13.02 -27.75 3.98
C VAL G 126 -14.47 -28.02 3.60
N THR G 127 -15.13 -28.90 4.36
CA THR G 127 -16.51 -29.28 4.09
C THR G 127 -17.37 -28.96 5.31
N VAL G 128 -18.38 -28.12 5.12
CA VAL G 128 -19.32 -27.75 6.17
C VAL G 128 -20.68 -28.32 5.77
N SER G 129 -21.10 -29.38 6.45
CA SER G 129 -22.36 -30.05 6.14
C SER G 129 -23.49 -29.45 6.97
N SER G 130 -24.71 -29.86 6.62
CA SER G 130 -25.91 -29.37 7.31
C SER G 130 -26.07 -30.01 8.68
N VAL H 2 13.18 34.25 -3.70
CA VAL H 2 13.58 32.85 -3.73
C VAL H 2 13.12 32.22 -5.04
N GLN H 3 14.06 31.92 -5.93
CA GLN H 3 13.75 31.33 -7.22
C GLN H 3 14.61 30.08 -7.44
N LEU H 4 14.03 29.09 -8.11
CA LEU H 4 14.74 27.87 -8.50
C LEU H 4 14.40 27.59 -9.96
N VAL H 5 15.39 27.75 -10.85
CA VAL H 5 15.18 27.62 -12.29
C VAL H 5 15.90 26.36 -12.76
N GLU H 6 15.14 25.41 -13.30
CA GLU H 6 15.70 24.17 -13.81
C GLU H 6 16.04 24.30 -15.30
N SER H 7 17.00 23.49 -15.73
CA SER H 7 17.44 23.49 -17.12
C SER H 7 18.05 22.12 -17.42
N GLY H 8 18.34 21.90 -18.70
CA GLY H 8 19.04 20.70 -19.13
C GLY H 8 18.17 19.52 -19.49
N GLY H 9 16.85 19.67 -19.45
CA GLY H 9 15.96 18.59 -19.83
C GLY H 9 15.79 18.49 -21.34
N GLY H 10 14.98 17.52 -21.74
CA GLY H 10 14.69 17.36 -23.16
C GLY H 10 14.23 15.95 -23.46
N LEU H 11 14.47 15.54 -24.70
CA LEU H 11 14.03 14.25 -25.23
C LEU H 11 15.24 13.45 -25.69
N VAL H 12 15.24 12.15 -25.40
CA VAL H 12 16.37 11.29 -25.72
C VAL H 12 15.84 9.86 -25.91
N GLN H 13 16.60 9.06 -26.65
CA GLN H 13 16.31 7.64 -26.82
C GLN H 13 16.68 6.86 -25.56
N ALA H 14 16.30 5.59 -25.54
CA ALA H 14 16.64 4.72 -24.42
C ALA H 14 18.13 4.40 -24.43
N GLY H 15 18.76 4.50 -23.27
CA GLY H 15 20.19 4.35 -23.15
C GLY H 15 20.98 5.63 -23.23
N GLY H 16 20.36 6.74 -23.66
CA GLY H 16 21.03 8.01 -23.75
C GLY H 16 21.22 8.66 -22.40
N SER H 17 21.78 9.87 -22.42
CA SER H 17 22.14 10.55 -21.20
C SER H 17 21.74 12.02 -21.26
N LEU H 18 21.40 12.57 -20.08
CA LEU H 18 21.08 13.98 -19.92
C LEU H 18 21.77 14.48 -18.66
N ARG H 19 21.80 15.80 -18.50
CA ARG H 19 22.37 16.43 -17.31
C ARG H 19 21.52 17.66 -16.97
N LEU H 20 20.84 17.61 -15.83
CA LEU H 20 20.01 18.71 -15.38
C LEU H 20 20.82 19.68 -14.53
N SER H 21 20.42 20.95 -14.57
CA SER H 21 21.02 21.98 -13.75
C SER H 21 19.92 22.79 -13.07
N CYS H 22 20.26 23.39 -11.94
CA CYS H 22 19.29 24.15 -11.15
C CYS H 22 20.04 25.28 -10.44
N THR H 23 19.97 26.49 -11.00
CA THR H 23 20.54 27.66 -10.36
C THR H 23 19.56 28.18 -9.30
N ALA H 24 20.12 28.76 -8.24
CA ALA H 24 19.35 29.20 -7.09
C ALA H 24 19.52 30.69 -6.86
N SER H 25 18.42 31.37 -6.59
CA SER H 25 18.40 32.79 -6.27
C SER H 25 18.57 32.95 -4.77
N GLY H 26 18.27 34.15 -4.24
CA GLY H 26 18.68 34.54 -2.90
C GLY H 26 18.13 33.72 -1.74
N PHE H 27 19.06 32.94 -1.18
CA PHE H 27 19.07 32.18 0.07
C PHE H 27 20.45 31.51 0.07
N THR H 28 20.93 31.20 1.26
CA THR H 28 22.25 30.61 1.37
C THR H 28 22.17 29.15 0.92
N PHE H 29 22.57 28.93 -0.34
CA PHE H 29 22.55 27.63 -1.00
C PHE H 29 23.38 26.59 -0.25
N ASP H 30 24.56 26.98 0.24
CA ASP H 30 25.49 26.01 0.81
C ASP H 30 25.09 25.52 2.19
N ASP H 31 24.05 26.10 2.80
CA ASP H 31 23.56 25.65 4.10
C ASP H 31 22.25 24.88 4.00
N TYR H 32 21.75 24.62 2.80
CA TYR H 32 20.48 23.95 2.59
C TYR H 32 20.71 22.58 1.97
N THR H 33 19.83 21.63 2.29
CA THR H 33 19.86 20.31 1.67
C THR H 33 19.04 20.38 0.37
N MET H 34 19.72 20.18 -0.75
CA MET H 34 19.10 20.31 -2.07
C MET H 34 18.76 18.94 -2.63
N GLY H 35 17.64 18.85 -3.34
CA GLY H 35 17.15 17.57 -3.81
C GLY H 35 16.50 17.65 -5.17
N TRP H 36 16.30 16.48 -5.77
CA TRP H 36 15.61 16.32 -7.04
C TRP H 36 14.39 15.44 -6.85
N PHE H 37 13.25 15.88 -7.39
CA PHE H 37 12.01 15.12 -7.39
C PHE H 37 11.59 14.87 -8.83
N ARG H 38 10.67 13.93 -9.02
CA ARG H 38 10.10 13.71 -10.34
C ARG H 38 8.64 13.29 -10.20
N GLN H 39 7.84 13.59 -11.22
CA GLN H 39 6.41 13.32 -11.21
C GLN H 39 6.02 12.70 -12.55
N ALA H 40 5.68 11.41 -12.52
CA ALA H 40 5.21 10.71 -13.70
C ALA H 40 3.83 11.21 -14.12
N PRO H 41 3.46 11.04 -15.40
CA PRO H 41 2.10 11.41 -15.84
C PRO H 41 1.04 10.54 -15.19
N GLY H 42 0.16 11.18 -14.42
CA GLY H 42 -0.91 10.48 -13.74
C GLY H 42 -0.55 9.94 -12.36
N LYS H 43 0.71 9.98 -11.98
CA LYS H 43 1.16 9.47 -10.69
C LYS H 43 1.55 10.61 -9.77
N GLU H 44 1.78 10.27 -8.50
CA GLU H 44 2.19 11.25 -7.51
C GLU H 44 3.66 11.61 -7.69
N ARG H 45 4.07 12.70 -7.04
CA ARG H 45 5.44 13.16 -7.11
C ARG H 45 6.30 12.35 -6.15
N GLU H 46 7.36 11.73 -6.66
CA GLU H 46 8.27 10.93 -5.86
C GLU H 46 9.64 11.60 -5.77
N GLY H 47 10.42 11.15 -4.80
CA GLY H 47 11.77 11.68 -4.61
C GLY H 47 12.79 10.85 -5.36
N VAL H 48 13.79 11.52 -5.92
CA VAL H 48 14.85 10.89 -6.71
C VAL H 48 16.15 10.85 -5.93
N SER H 49 16.66 12.01 -5.52
CA SER H 49 17.97 12.12 -4.92
C SER H 49 18.07 13.45 -4.19
N TYR H 50 18.74 13.45 -3.03
CA TYR H 50 19.09 14.69 -2.37
C TYR H 50 20.51 14.61 -1.85
N THR H 51 21.07 15.77 -1.52
CA THR H 51 22.36 15.84 -0.84
C THR H 51 22.35 17.05 0.08
N GLY H 52 23.09 16.94 1.18
CA GLY H 52 23.14 18.02 2.15
C GLY H 52 23.50 17.49 3.52
N TRP H 53 23.03 18.23 4.54
CA TRP H 53 22.85 17.79 5.94
C TRP H 53 24.02 17.05 6.59
N GLY H 59 30.02 16.31 7.75
CA GLY H 59 28.65 15.86 7.77
C GLY H 59 27.88 16.19 6.51
N SER H 60 28.08 15.41 5.46
CA SER H 60 27.28 15.47 4.24
C SER H 60 26.70 14.09 3.98
N THR H 61 25.44 14.06 3.58
CA THR H 61 24.72 12.83 3.30
C THR H 61 24.01 12.97 1.96
N THR H 62 24.33 12.06 1.03
CA THR H 62 23.65 12.00 -0.26
C THR H 62 22.77 10.76 -0.33
N TYR H 63 21.64 10.90 -1.04
CA TYR H 63 20.66 9.84 -1.14
C TYR H 63 20.36 9.56 -2.61
N TYR H 64 20.05 8.29 -2.90
CA TYR H 64 19.61 7.88 -4.23
C TYR H 64 18.54 6.80 -4.08
N THR H 65 17.46 6.92 -4.85
CA THR H 65 16.40 5.94 -4.85
C THR H 65 16.87 4.67 -5.56
N ASP H 66 16.18 3.54 -5.29
CA ASP H 66 16.56 2.26 -5.87
C ASP H 66 16.43 2.24 -7.40
N SER H 67 15.43 2.96 -7.92
CA SER H 67 15.20 2.95 -9.37
C SER H 67 16.26 3.75 -10.13
N VAL H 68 16.98 4.64 -9.46
CA VAL H 68 18.03 5.44 -10.08
C VAL H 68 19.41 5.07 -9.53
N LYS H 69 19.51 3.98 -8.79
CA LYS H 69 20.76 3.58 -8.13
C LYS H 69 21.79 3.13 -9.17
N GLY H 70 22.99 3.71 -9.08
CA GLY H 70 24.07 3.36 -9.98
C GLY H 70 24.00 4.01 -11.35
N ARG H 71 22.94 4.74 -11.66
CA ARG H 71 22.78 5.41 -12.94
C ARG H 71 22.74 6.92 -12.81
N PHE H 72 22.25 7.46 -11.70
CA PHE H 72 22.10 8.88 -11.50
C PHE H 72 23.20 9.37 -10.56
N THR H 73 23.57 10.65 -10.69
CA THR H 73 24.60 11.25 -9.86
C THR H 73 24.22 12.68 -9.55
N ILE H 74 24.08 13.00 -8.27
CA ILE H 74 23.79 14.36 -7.83
C ILE H 74 25.11 15.01 -7.41
N SER H 75 25.18 16.33 -7.59
CA SER H 75 26.35 17.13 -7.21
C SER H 75 25.91 18.57 -7.06
N ARG H 76 26.67 19.33 -6.27
CA ARG H 76 26.37 20.73 -6.03
C ARG H 76 27.63 21.56 -6.18
N ASP H 77 27.44 22.83 -6.54
CA ASP H 77 28.51 23.81 -6.64
C ASP H 77 28.11 24.99 -5.76
N ASN H 78 28.71 25.07 -4.57
CA ASN H 78 28.35 26.11 -3.61
C ASN H 78 28.83 27.49 -4.03
N ALA H 79 29.82 27.56 -4.93
CA ALA H 79 30.28 28.85 -5.41
C ALA H 79 29.30 29.47 -6.40
N LYS H 80 28.76 28.66 -7.31
CA LYS H 80 27.83 29.14 -8.33
C LYS H 80 26.37 28.95 -7.94
N ASN H 81 26.11 28.35 -6.76
CA ASN H 81 24.76 28.06 -6.24
C ASN H 81 23.94 27.23 -7.23
N THR H 82 24.53 26.16 -7.73
CA THR H 82 23.93 25.33 -8.76
C THR H 82 23.91 23.88 -8.32
N LEU H 83 22.80 23.19 -8.59
CA LEU H 83 22.65 21.77 -8.32
C LEU H 83 22.58 21.01 -9.64
N TYR H 84 23.24 19.85 -9.69
CA TYR H 84 23.34 19.07 -10.92
C TYR H 84 22.78 17.67 -10.69
N LEU H 85 22.30 17.07 -11.79
CA LEU H 85 21.83 15.68 -11.79
C LEU H 85 22.26 15.05 -13.10
N GLN H 86 23.31 14.23 -13.04
CA GLN H 86 23.82 13.51 -14.21
C GLN H 86 23.05 12.21 -14.35
N MET H 87 22.21 12.10 -15.38
CA MET H 87 21.37 10.94 -15.62
C MET H 87 21.97 10.13 -16.76
N ASN H 88 22.58 9.00 -16.44
CA ASN H 88 23.15 8.10 -17.43
C ASN H 88 22.31 6.84 -17.52
N SER H 89 22.38 6.19 -18.69
CA SER H 89 21.66 4.94 -19.01
C SER H 89 20.15 5.08 -18.77
N LEU H 90 19.56 6.02 -19.50
CA LEU H 90 18.17 6.38 -19.27
C LEU H 90 17.24 5.31 -19.82
N LYS H 91 16.28 4.90 -19.01
CA LYS H 91 15.19 3.96 -19.20
C LYS H 91 13.90 4.71 -19.49
N PRO H 92 12.94 4.09 -20.20
CA PRO H 92 11.65 4.76 -20.42
C PRO H 92 10.82 4.97 -19.17
N GLU H 93 11.09 4.24 -18.08
CA GLU H 93 10.42 4.48 -16.82
C GLU H 93 10.89 5.75 -16.12
N ASP H 94 12.00 6.36 -16.56
CA ASP H 94 12.50 7.61 -16.00
C ASP H 94 11.81 8.83 -16.58
N THR H 95 10.80 8.65 -17.43
CA THR H 95 10.13 9.76 -18.11
C THR H 95 9.20 10.46 -17.13
N ALA H 96 9.53 11.71 -16.79
CA ALA H 96 8.77 12.50 -15.83
C ALA H 96 9.15 13.96 -16.01
N MET H 97 8.45 14.83 -15.27
CA MET H 97 8.91 16.20 -15.08
C MET H 97 9.72 16.26 -13.80
N TYR H 98 10.95 16.77 -13.90
CA TYR H 98 11.90 16.72 -12.80
C TYR H 98 11.94 18.07 -12.10
N TYR H 99 11.75 18.07 -10.78
CA TYR H 99 11.72 19.27 -9.97
C TYR H 99 12.95 19.36 -9.09
N CYS H 100 13.37 20.59 -8.81
CA CYS H 100 14.52 20.89 -7.95
C CYS H 100 14.00 21.57 -6.69
N ALA H 101 14.18 20.91 -5.55
CA ALA H 101 13.61 21.35 -4.29
C ALA H 101 14.70 21.63 -3.27
N ALA H 102 14.31 22.35 -2.21
CA ALA H 102 15.23 22.78 -1.17
C ALA H 102 14.59 22.61 0.20
N ALA H 103 15.39 22.15 1.16
CA ALA H 103 14.95 21.98 2.55
C ALA H 103 15.93 22.70 3.47
N ARG H 104 15.46 23.06 4.66
CA ARG H 104 16.32 23.79 5.58
C ARG H 104 16.43 23.18 6.97
N TYR H 105 15.81 22.02 7.18
CA TYR H 105 15.97 21.30 8.44
C TYR H 105 17.34 20.63 8.45
N SER H 110 17.35 14.84 13.62
CA SER H 110 16.91 13.48 13.37
C SER H 110 17.04 13.13 11.89
N GLN H 111 16.07 12.37 11.37
CA GLN H 111 16.11 11.89 10.00
C GLN H 111 15.37 12.85 9.08
N VAL H 112 16.03 13.27 8.00
CA VAL H 112 15.44 14.18 7.03
C VAL H 112 14.47 13.42 6.14
N ARG H 113 13.28 14.00 5.93
CA ARG H 113 12.21 13.34 5.19
C ARG H 113 11.78 14.20 4.00
N TRP H 114 10.76 13.71 3.29
CA TRP H 114 10.33 14.31 2.03
C TRP H 114 9.52 15.58 2.23
N THR H 115 8.81 15.69 3.36
CA THR H 115 7.98 16.86 3.64
C THR H 115 8.79 18.07 4.06
N ASP H 116 10.10 17.93 4.29
CA ASP H 116 10.92 19.06 4.69
C ASP H 116 11.23 20.00 3.54
N PHE H 117 11.05 19.54 2.30
CA PHE H 117 11.35 20.37 1.14
C PHE H 117 10.23 21.38 0.93
N ILE H 118 10.57 22.66 1.05
CA ILE H 118 9.60 23.74 1.10
C ILE H 118 9.66 24.60 -0.17
N TYR H 119 10.86 25.00 -0.58
CA TYR H 119 11.03 25.78 -1.80
C TYR H 119 11.15 24.86 -2.99
N TRP H 120 10.41 25.17 -4.07
CA TRP H 120 10.36 24.33 -5.25
C TRP H 120 10.59 25.15 -6.50
N GLY H 121 10.95 24.47 -7.58
CA GLY H 121 11.08 25.08 -8.89
C GLY H 121 9.93 24.69 -9.79
N GLN H 122 9.92 25.29 -10.99
CA GLN H 122 8.84 25.04 -11.93
C GLN H 122 8.99 23.69 -12.62
N GLY H 123 10.21 23.21 -12.78
CA GLY H 123 10.46 21.88 -13.31
C GLY H 123 10.99 21.91 -14.73
N THR H 124 11.41 20.73 -15.19
CA THR H 124 11.84 20.53 -16.57
C THR H 124 11.45 19.12 -16.99
N GLN H 125 11.07 19.00 -18.27
CA GLN H 125 10.65 17.73 -18.83
C GLN H 125 11.86 16.87 -19.17
N VAL H 126 11.76 15.58 -18.88
CA VAL H 126 12.69 14.58 -19.38
C VAL H 126 11.85 13.47 -20.00
N THR H 127 12.06 13.21 -21.29
CA THR H 127 11.31 12.20 -22.02
C THR H 127 12.28 11.19 -22.60
N VAL H 128 12.11 9.92 -22.22
CA VAL H 128 12.91 8.82 -22.74
C VAL H 128 11.99 7.92 -23.54
N SER H 129 12.12 7.97 -24.86
CA SER H 129 11.27 7.20 -25.75
C SER H 129 11.91 5.84 -26.06
N SER H 130 11.12 4.98 -26.71
CA SER H 130 11.58 3.65 -27.06
C SER H 130 12.54 3.68 -28.24
#